data_4ZEL
#
_entry.id   4ZEL
#
_cell.length_a   102.810
_cell.length_b   119.060
_cell.length_c   224.830
_cell.angle_alpha   90.000
_cell.angle_beta   90.000
_cell.angle_gamma   90.000
#
_symmetry.space_group_name_H-M   'C 2 2 21'
#
loop_
_entity.id
_entity.type
_entity.pdbx_description
1 polymer 'Dopamine beta-hydroxylase'
2 branched 2-acetamido-2-deoxy-beta-D-glucopyranose-(1-4)-2-acetamido-2-deoxy-beta-D-glucopyranose
3 branched beta-D-mannopyranose-(1-4)-2-acetamido-2-deoxy-beta-D-glucopyranose-(1-4)-2-acetamido-2-deoxy-beta-D-glucopyranose
4 branched alpha-D-mannopyranose-(1-6)-beta-D-mannopyranose-(1-4)-2-acetamido-2-deoxy-beta-D-glucopyranose-(1-4)-2-acetamido-2-deoxy-beta-D-glucopyranose
5 non-polymer 'COPPER (II) ION'
6 non-polymer 2-acetamido-2-deoxy-beta-D-glucopyranose
7 water water
#
_entity_poly.entity_id   1
_entity_poly.type   'polypeptide(L)'
_entity_poly.pdbx_seq_one_letter_code
;SAPRESPLPYHIPLDPEGSLELSWNVSYTQEAIHFQLLVRRLKAGVLFGMSDRGELENADLVVLWTDGDTAYFADAWSDQ
KGQIHLDPQQDYQLLQVQRTPEGLTLLFKRPFGTCDPKDYLIEDGTVHLVYGILEEPFRSLEAINGSGLQMGLQRVQLLK
PNIPEPELPSDACTMEVQAPNIQIPSQETTYWCYIKELPKGFSRHHIIKYEPIVTKGNEALVHHMEVFQCAPEMDSVPHF
SGPCDSKMKPDRLNYCRHVLAAWALGAKAFYYPEEAGLAFGGPGSSRYLRLEVHYHNPLVIEGRNDSSGIRLYYTAKLRR
FNAGIMELGLVYTPVMAIPPRETAFILTGYCTDKCTQLALPPSGIHIFASQLHTHLTGRKVVTVLVRDGREWEIVNQDNH
YSPHFQEIRMLKKVVSVHPGDVLITSCTYNTEDRELATVGGFGILEEMCVNYVHYYPQTQLELCKSAVDAGFLQKYFHLI
NRFNNEDVCTCPQASVSQQFTSVPWNSFNRDVLKALYSFAPISMHCNKSSAVRFQGEWNLQPLPKVISTLEEPTPQCPTS
QGRSPAGPTVVSIGGGKG
;
_entity_poly.pdbx_strand_id   A,B
#
loop_
_chem_comp.id
_chem_comp.type
_chem_comp.name
_chem_comp.formula
BMA D-saccharide, beta linking beta-D-mannopyranose 'C6 H12 O6'
CU non-polymer 'COPPER (II) ION' 'Cu 2'
MAN D-saccharide, alpha linking alpha-D-mannopyranose 'C6 H12 O6'
NAG D-saccharide, beta linking 2-acetamido-2-deoxy-beta-D-glucopyranose 'C8 H15 N O6'
#
# COMPACT_ATOMS: atom_id res chain seq x y z
N PRO A 7 11.82 4.62 40.61
CA PRO A 7 11.18 3.51 39.89
C PRO A 7 11.34 3.65 38.37
N LEU A 8 10.27 3.37 37.66
CA LEU A 8 10.19 3.63 36.23
C LEU A 8 9.39 4.92 36.04
N PRO A 9 9.93 5.87 35.28
CA PRO A 9 9.41 7.23 35.26
C PRO A 9 7.96 7.36 34.79
N TYR A 10 7.49 6.54 33.86
CA TYR A 10 6.12 6.77 33.41
C TYR A 10 5.19 5.73 34.02
N HIS A 11 3.97 6.13 34.37
CA HIS A 11 3.00 5.19 34.91
C HIS A 11 1.56 5.60 34.64
N ILE A 12 0.71 4.59 34.44
CA ILE A 12 -0.73 4.77 34.28
C ILE A 12 -1.47 3.60 34.91
N PRO A 13 -2.70 3.85 35.40
CA PRO A 13 -3.60 2.76 35.74
C PRO A 13 -4.22 2.15 34.49
N LEU A 14 -4.59 0.88 34.55
CA LEU A 14 -5.24 0.23 33.42
C LEU A 14 -6.73 0.04 33.69
N ASP A 15 -7.04 -0.88 34.62
CA ASP A 15 -8.42 -1.10 35.02
C ASP A 15 -8.87 0.02 35.95
N PRO A 16 -10.18 0.32 35.95
CA PRO A 16 -10.73 1.34 36.84
C PRO A 16 -10.51 1.01 38.30
N GLU A 17 -10.61 -0.27 38.66
CA GLU A 17 -10.45 -0.70 40.03
C GLU A 17 -9.01 -0.46 40.51
N GLY A 18 -8.09 -0.41 39.56
CA GLY A 18 -6.69 -0.17 39.88
C GLY A 18 -5.99 -1.40 40.39
N SER A 19 -6.51 -2.57 40.05
CA SER A 19 -5.85 -3.82 40.41
C SER A 19 -4.69 -4.07 39.45
N LEU A 20 -4.66 -3.28 38.40
CA LEU A 20 -3.59 -3.36 37.39
C LEU A 20 -2.93 -2.01 37.23
N GLU A 21 -1.62 -1.97 37.36
CA GLU A 21 -0.88 -0.72 37.18
C GLU A 21 0.28 -0.93 36.23
N LEU A 22 0.38 -0.09 35.20
CA LEU A 22 1.48 -0.24 34.25
C LEU A 22 2.44 0.91 34.39
N SER A 23 3.71 0.59 34.55
CA SER A 23 4.73 1.64 34.53
C SER A 23 5.78 1.25 33.51
N TRP A 24 6.37 2.23 32.85
CA TRP A 24 7.38 1.90 31.85
C TRP A 24 8.44 2.98 31.71
N ASN A 25 9.55 2.55 31.12
CA ASN A 25 10.66 3.45 30.83
C ASN A 25 11.14 3.22 29.39
N VAL A 26 11.59 4.29 28.75
CA VAL A 26 12.00 4.22 27.36
C VAL A 26 13.49 4.45 27.19
N SER A 27 14.12 3.65 26.34
CA SER A 27 15.52 3.88 25.99
C SER A 27 15.66 4.00 24.48
N TYR A 28 16.08 5.17 24.01
CA TYR A 28 16.22 5.39 22.57
C TYR A 28 17.60 5.00 22.07
N THR A 29 18.54 4.75 22.98
CA THR A 29 19.83 4.23 22.56
C THR A 29 19.70 2.75 22.26
N GLN A 30 19.05 2.03 23.16
CA GLN A 30 18.73 0.63 22.97
C GLN A 30 17.52 0.44 22.05
N GLU A 31 16.78 1.53 21.85
CA GLU A 31 15.53 1.51 21.07
C GLU A 31 14.59 0.44 21.60
N ALA A 32 14.31 0.49 22.89
CA ALA A 32 13.44 -0.48 23.52
C ALA A 32 12.67 0.10 24.70
N ILE A 33 11.55 -0.54 25.01
CA ILE A 33 10.69 -0.21 26.13
C ILE A 33 10.80 -1.27 27.21
N HIS A 34 10.90 -0.82 28.46
CA HIS A 34 10.80 -1.71 29.60
C HIS A 34 9.47 -1.51 30.30
N PHE A 35 8.64 -2.55 30.28
CA PHE A 35 7.35 -2.56 30.95
C PHE A 35 7.47 -3.21 32.32
N GLN A 36 6.78 -2.64 33.30
CA GLN A 36 6.58 -3.26 34.59
C GLN A 36 5.10 -3.28 34.90
N LEU A 37 4.55 -4.47 35.06
CA LEU A 37 3.14 -4.66 35.34
C LEU A 37 2.93 -5.06 36.79
N LEU A 38 2.12 -4.29 37.50
CA LEU A 38 1.79 -4.58 38.89
C LEU A 38 0.37 -5.08 39.01
N VAL A 39 0.23 -6.32 39.50
CA VAL A 39 -1.07 -6.90 39.76
C VAL A 39 -1.29 -6.96 41.26
N ARG A 40 -2.17 -6.11 41.77
CA ARG A 40 -2.42 -6.06 43.20
C ARG A 40 -3.26 -7.24 43.66
N ARG A 41 -4.36 -7.48 42.95
CA ARG A 41 -5.21 -8.62 43.22
C ARG A 41 -5.36 -9.50 41.98
N LEU A 42 -4.86 -10.72 42.04
CA LEU A 42 -5.00 -11.59 40.89
C LEU A 42 -6.05 -12.68 41.13
N LYS A 43 -7.19 -12.52 40.46
CA LYS A 43 -8.23 -13.53 40.42
C LYS A 43 -8.21 -14.19 39.05
N ALA A 44 -8.24 -15.52 38.97
CA ALA A 44 -8.21 -16.19 37.67
C ALA A 44 -6.99 -15.68 36.90
N GLY A 45 -7.16 -14.93 35.82
CA GLY A 45 -5.96 -14.53 35.09
C GLY A 45 -5.99 -13.14 34.49
N VAL A 46 -4.85 -12.70 33.94
CA VAL A 46 -4.76 -11.33 33.42
C VAL A 46 -3.98 -11.20 32.11
N LEU A 47 -4.50 -10.40 31.18
CA LEU A 47 -3.78 -10.17 29.94
C LEU A 47 -3.55 -8.68 29.67
N PHE A 48 -2.43 -8.38 29.00
CA PHE A 48 -2.05 -7.01 28.68
C PHE A 48 -1.32 -6.98 27.36
N GLY A 49 -1.40 -5.89 26.63
CA GLY A 49 -0.73 -5.81 25.35
C GLY A 49 -1.05 -4.53 24.63
N MET A 50 -0.86 -4.53 23.31
CA MET A 50 -1.17 -3.36 22.51
C MET A 50 -1.79 -3.76 21.18
N SER A 51 -2.60 -2.87 20.65
CA SER A 51 -3.30 -3.14 19.39
C SER A 51 -3.56 -1.84 18.64
N ASP A 52 -3.93 -1.95 17.37
CA ASP A 52 -4.08 -0.80 16.50
C ASP A 52 -4.95 0.31 17.09
N ARG A 53 -6.26 0.08 17.16
CA ARG A 53 -7.20 1.05 17.72
C ARG A 53 -7.59 0.76 19.17
N GLY A 54 -7.03 -0.29 19.76
CA GLY A 54 -7.31 -0.63 21.14
C GLY A 54 -8.29 -1.77 21.30
N GLU A 55 -8.62 -2.39 20.18
CA GLU A 55 -9.49 -3.55 20.15
C GLU A 55 -8.76 -4.81 20.58
N LEU A 56 -9.51 -5.81 21.04
CA LEU A 56 -8.93 -7.10 21.40
C LEU A 56 -8.49 -7.88 20.17
N GLU A 57 -9.15 -7.63 19.05
CA GLU A 57 -8.85 -8.31 17.79
C GLU A 57 -7.51 -7.86 17.23
N ASN A 58 -6.79 -8.78 16.58
CA ASN A 58 -5.49 -8.50 15.98
C ASN A 58 -4.54 -7.87 16.98
N ALA A 59 -4.38 -8.50 18.13
CA ALA A 59 -3.63 -7.84 19.20
C ALA A 59 -2.30 -8.52 19.53
N ASP A 60 -1.35 -7.71 19.98
CA ASP A 60 -0.05 -8.20 20.41
C ASP A 60 -0.03 -8.27 21.93
N LEU A 61 0.05 -9.47 22.48
CA LEU A 61 -0.31 -9.69 23.87
C LEU A 61 0.71 -10.43 24.73
N VAL A 62 0.48 -10.32 26.03
CA VAL A 62 1.16 -11.06 27.08
C VAL A 62 0.08 -11.50 28.08
N VAL A 63 0.16 -12.74 28.54
CA VAL A 63 -0.89 -13.32 29.38
C VAL A 63 -0.34 -14.06 30.60
N LEU A 64 -1.04 -14.01 31.72
CA LEU A 64 -0.70 -14.86 32.87
C LEU A 64 -1.92 -15.60 33.42
N TRP A 65 -1.70 -16.88 33.70
CA TRP A 65 -2.72 -17.76 34.29
C TRP A 65 -2.41 -18.13 35.74
N THR A 66 -3.47 -18.24 36.56
CA THR A 66 -3.37 -18.79 37.91
C THR A 66 -3.63 -20.28 37.89
N ASP A 67 -3.85 -20.81 36.69
CA ASP A 67 -4.44 -22.16 36.49
C ASP A 67 -3.73 -23.29 37.26
N GLY A 68 -2.42 -23.15 37.45
CA GLY A 68 -1.67 -24.12 38.21
C GLY A 68 -1.82 -23.96 39.72
N ASP A 69 -0.86 -24.48 40.47
CA ASP A 69 -0.90 -24.33 41.93
C ASP A 69 -0.78 -22.86 42.31
N ALA A 71 0.69 -20.58 38.49
CA ALA A 71 0.98 -19.22 38.04
C ALA A 71 2.01 -19.23 36.91
N TYR A 72 1.54 -19.09 35.68
CA TYR A 72 2.41 -19.15 34.50
C TYR A 72 2.23 -17.94 33.56
N PHE A 73 3.31 -17.56 32.90
CA PHE A 73 3.36 -16.34 32.09
C PHE A 73 3.83 -16.65 30.66
N ALA A 74 3.10 -16.14 29.67
CA ALA A 74 3.40 -16.45 28.27
C ALA A 74 3.12 -15.31 27.28
N ASP A 75 3.87 -15.27 26.19
CA ASP A 75 3.63 -14.31 25.11
C ASP A 75 2.52 -14.84 24.20
N ALA A 76 1.59 -13.95 23.84
CA ALA A 76 0.43 -14.36 23.05
C ALA A 76 0.08 -13.35 21.97
N TRP A 77 -0.80 -13.75 21.06
CA TRP A 77 -1.35 -12.86 20.06
C TRP A 77 -2.81 -13.22 19.78
N SER A 78 -3.59 -12.25 19.32
CA SER A 78 -4.99 -12.52 19.04
C SER A 78 -5.32 -12.23 17.58
N ASP A 79 -6.19 -13.06 17.00
CA ASP A 79 -6.59 -12.93 15.61
C ASP A 79 -7.78 -12.00 15.42
N GLN A 80 -8.32 -11.96 14.20
CA GLN A 80 -9.40 -11.05 13.85
C GLN A 80 -10.71 -11.37 14.56
N LYS A 81 -10.90 -12.61 15.00
CA LYS A 81 -12.10 -12.95 15.72
C LYS A 81 -11.90 -12.83 17.24
N GLY A 82 -10.68 -12.53 17.66
CA GLY A 82 -10.41 -12.26 19.06
C GLY A 82 -9.97 -13.47 19.85
N GLN A 83 -9.74 -14.57 19.14
CA GLN A 83 -9.29 -15.81 19.76
C GLN A 83 -7.82 -15.69 20.15
N ILE A 84 -7.46 -16.24 21.31
CA ILE A 84 -6.11 -16.08 21.83
C ILE A 84 -5.22 -17.27 21.51
N HIS A 85 -4.07 -16.99 20.91
CA HIS A 85 -3.11 -18.04 20.57
C HIS A 85 -1.74 -17.70 21.14
N LEU A 86 -0.97 -18.73 21.47
CA LEU A 86 0.38 -18.53 22.01
C LEU A 86 1.33 -18.03 20.91
N ASP A 87 2.37 -17.31 21.33
CA ASP A 87 3.35 -16.77 20.40
C ASP A 87 4.62 -17.59 20.45
N PRO A 88 4.92 -18.33 19.36
CA PRO A 88 6.09 -19.21 19.34
C PRO A 88 7.43 -18.49 19.52
N GLN A 89 7.65 -17.39 18.80
CA GLN A 89 8.76 -16.50 19.10
C GLN A 89 8.33 -15.63 20.27
N GLN A 90 9.22 -14.78 20.78
CA GLN A 90 8.78 -13.83 21.80
C GLN A 90 9.21 -12.41 21.49
N ASP A 91 8.21 -11.55 21.30
CA ASP A 91 8.46 -10.13 21.14
C ASP A 91 8.68 -9.49 22.50
N TYR A 92 7.85 -9.88 23.46
CA TYR A 92 8.03 -9.47 24.84
C TYR A 92 9.03 -10.42 25.47
N GLN A 93 10.00 -9.89 26.20
CA GLN A 93 10.97 -10.74 26.86
C GLN A 93 10.87 -10.55 28.35
N LEU A 94 10.47 -11.60 29.06
CA LEU A 94 10.30 -11.51 30.50
C LEU A 94 11.65 -11.40 31.20
N LEU A 95 11.76 -10.45 32.11
CA LEU A 95 13.00 -10.19 32.82
C LEU A 95 12.94 -10.61 34.29
N GLN A 96 12.07 -9.96 35.07
CA GLN A 96 12.02 -10.22 36.50
C GLN A 96 10.60 -10.41 37.01
N VAL A 97 10.43 -11.25 38.03
CA VAL A 97 9.14 -11.42 38.68
C VAL A 97 9.28 -11.40 40.21
N GLN A 98 8.60 -10.48 40.88
CA GLN A 98 8.76 -10.37 42.32
C GLN A 98 7.45 -10.15 43.06
N ARG A 99 7.30 -10.78 44.22
CA ARG A 99 6.09 -10.63 45.03
C ARG A 99 6.35 -9.66 46.17
N THR A 100 5.48 -8.66 46.29
CA THR A 100 5.69 -7.59 47.26
C THR A 100 4.38 -7.35 48.00
N PRO A 101 4.36 -6.46 49.01
CA PRO A 101 3.08 -6.12 49.63
C PRO A 101 2.07 -5.49 48.67
N GLU A 102 2.55 -4.73 47.68
CA GLU A 102 1.66 -4.09 46.74
C GLU A 102 0.98 -5.13 45.86
N GLY A 103 1.70 -6.22 45.57
CA GLY A 103 1.19 -7.26 44.71
C GLY A 103 2.30 -8.01 44.00
N LEU A 104 1.96 -8.60 42.87
CA LEU A 104 2.94 -9.28 42.02
C LEU A 104 3.41 -8.37 40.88
N THR A 105 4.72 -8.20 40.76
CA THR A 105 5.29 -7.33 39.74
C THR A 105 6.06 -8.10 38.69
N LEU A 106 5.79 -7.79 37.43
CA LEU A 106 6.45 -8.41 36.29
C LEU A 106 7.17 -7.39 35.41
N LEU A 107 8.48 -7.49 35.35
CA LEU A 107 9.29 -6.66 34.48
C LEU A 107 9.65 -7.41 33.21
N PHE A 108 9.26 -6.87 32.07
CA PHE A 108 9.58 -7.47 30.78
C PHE A 108 9.94 -6.42 29.76
N LYS A 109 10.59 -6.83 28.68
CA LYS A 109 11.21 -5.90 27.76
C LYS A 109 10.78 -6.16 26.32
N ARG A 110 10.54 -5.09 25.56
CA ARG A 110 10.29 -5.22 24.12
C ARG A 110 11.01 -4.16 23.29
N PRO A 111 11.54 -4.55 22.12
CA PRO A 111 12.07 -3.56 21.17
C PRO A 111 10.95 -2.71 20.59
N PHE A 112 11.28 -1.55 20.03
CA PHE A 112 10.27 -0.72 19.38
C PHE A 112 9.55 -1.48 18.28
N GLY A 113 10.32 -2.25 17.51
CA GLY A 113 9.76 -3.04 16.43
C GLY A 113 10.56 -4.29 16.19
N THR A 114 9.94 -5.26 15.53
CA THR A 114 10.59 -6.53 15.23
C THR A 114 10.59 -6.79 13.74
N CYS A 115 11.44 -7.71 13.29
CA CYS A 115 11.46 -8.10 11.89
C CYS A 115 10.23 -8.96 11.60
N ASP A 116 9.55 -9.36 12.67
CA ASP A 116 8.27 -10.05 12.57
C ASP A 116 7.17 -9.04 12.21
N PRO A 117 6.57 -9.19 11.02
CA PRO A 117 5.51 -8.29 10.54
C PRO A 117 4.21 -8.43 11.31
N LYS A 118 4.00 -9.58 11.96
CA LYS A 118 2.79 -9.84 12.71
C LYS A 118 2.63 -8.89 13.90
N ASP A 119 3.74 -8.56 14.53
CA ASP A 119 3.73 -7.76 15.75
C ASP A 119 3.34 -6.30 15.54
N TYR A 120 2.88 -5.68 16.62
CA TYR A 120 2.60 -4.25 16.65
C TYR A 120 3.89 -3.45 16.51
N LEU A 121 3.82 -2.30 15.84
CA LEU A 121 5.00 -1.47 15.70
C LEU A 121 4.89 -0.20 16.54
N ILE A 122 5.79 -0.07 17.50
CA ILE A 122 5.83 1.11 18.35
C ILE A 122 6.52 2.25 17.63
N GLU A 123 5.86 3.40 17.63
CA GLU A 123 6.40 4.59 16.97
C GLU A 123 5.86 5.86 17.63
N ASP A 124 6.20 7.00 17.06
CA ASP A 124 5.76 8.29 17.60
C ASP A 124 4.25 8.41 17.60
N GLY A 125 3.73 9.13 18.57
CA GLY A 125 2.29 9.33 18.68
C GLY A 125 1.62 8.39 19.66
N THR A 126 0.31 8.25 19.50
CA THR A 126 -0.51 7.47 20.42
C THR A 126 -0.29 5.96 20.27
N VAL A 127 -0.31 5.28 21.42
CA VAL A 127 -0.32 3.83 21.45
C VAL A 127 -1.52 3.36 22.27
N HIS A 128 -2.27 2.42 21.69
CA HIS A 128 -3.42 1.82 22.34
C HIS A 128 -3.05 0.52 23.06
N LEU A 129 -3.15 0.58 24.38
CA LEU A 129 -2.90 -0.56 25.23
C LEU A 129 -4.21 -1.28 25.50
N VAL A 130 -4.16 -2.61 25.46
CA VAL A 130 -5.33 -3.40 25.80
C VAL A 130 -5.04 -4.15 27.09
N TYR A 131 -6.03 -4.17 27.98
CA TYR A 131 -5.90 -4.93 29.20
C TYR A 131 -7.13 -5.80 29.27
N GLY A 132 -7.04 -6.88 30.01
CA GLY A 132 -8.23 -7.61 30.38
C GLY A 132 -8.00 -8.37 31.65
N ILE A 133 -9.09 -8.59 32.37
CA ILE A 133 -9.09 -9.39 33.56
C ILE A 133 -9.99 -10.55 33.26
N LEU A 134 -9.43 -11.75 33.19
CA LEU A 134 -10.27 -12.91 32.94
C LEU A 134 -10.70 -13.37 34.31
N GLU A 135 -12.03 -13.29 34.48
CA GLU A 135 -12.75 -13.54 35.71
C GLU A 135 -12.77 -15.00 36.13
N GLU A 136 -12.91 -15.89 35.16
CA GLU A 136 -13.16 -17.29 35.44
C GLU A 136 -11.98 -18.11 34.97
N PRO A 137 -11.61 -19.14 35.76
CA PRO A 137 -10.50 -19.97 35.28
C PRO A 137 -10.85 -20.67 33.98
N PHE A 138 -9.98 -20.50 32.99
CA PHE A 138 -10.13 -21.12 31.67
C PHE A 138 -8.82 -21.79 31.33
N ARG A 139 -8.84 -22.93 30.65
CA ARG A 139 -7.54 -23.45 30.27
C ARG A 139 -7.29 -23.64 28.76
N SER A 140 -6.00 -23.79 28.53
CA SER A 140 -5.21 -23.25 27.43
C SER A 140 -5.45 -21.75 27.32
N LEU A 141 -5.21 -21.20 26.14
CA LEU A 141 -5.66 -19.86 25.75
C LEU A 141 -7.04 -19.75 25.09
N GLU A 142 -7.30 -20.70 24.19
CA GLU A 142 -8.40 -20.56 23.25
C GLU A 142 -9.77 -20.71 23.88
N ALA A 143 -9.81 -21.24 25.09
CA ALA A 143 -11.06 -21.34 25.82
C ALA A 143 -11.53 -19.96 26.25
N ILE A 144 -10.58 -19.04 26.41
CA ILE A 144 -10.89 -17.69 26.89
C ILE A 144 -11.92 -17.03 26.01
N ASN A 145 -12.95 -16.50 26.66
CA ASN A 145 -14.19 -16.19 26.00
C ASN A 145 -14.50 -14.71 26.26
N GLY A 146 -15.39 -14.11 25.48
CA GLY A 146 -15.81 -12.75 25.78
C GLY A 146 -16.45 -12.69 27.16
N SER A 147 -17.29 -13.67 27.45
CA SER A 147 -17.80 -13.90 28.79
C SER A 147 -16.65 -14.17 29.77
N GLY A 148 -16.70 -13.53 30.93
CA GLY A 148 -15.72 -13.75 31.97
C GLY A 148 -14.41 -13.07 31.65
N LEU A 149 -14.48 -12.04 30.81
CA LEU A 149 -13.33 -11.23 30.43
C LEU A 149 -13.72 -9.76 30.50
N GLN A 150 -12.97 -8.98 31.27
CA GLN A 150 -13.34 -7.59 31.54
C GLN A 150 -12.75 -6.55 30.58
N MET A 151 -12.13 -7.06 29.51
N MET A 151 -11.85 -6.96 29.67
CA MET A 151 -11.20 -6.31 28.70
CA MET A 151 -11.71 -6.32 28.36
C MET A 151 -11.65 -4.90 28.36
C MET A 151 -11.74 -4.77 28.22
N GLY A 152 -10.65 -4.04 28.45
CA GLY A 152 -10.76 -2.60 28.20
C GLY A 152 -9.48 -2.04 27.64
N LEU A 153 -9.49 -0.78 27.22
CA LEU A 153 -8.30 -0.18 26.63
C LEU A 153 -7.87 1.10 27.32
N GLN A 154 -6.61 1.45 27.14
CA GLN A 154 -6.06 2.71 27.66
C GLN A 154 -5.14 3.33 26.63
N ARG A 155 -5.30 4.61 26.38
CA ARG A 155 -4.46 5.31 25.41
C ARG A 155 -3.31 6.04 26.09
N VAL A 156 -2.12 5.93 25.52
CA VAL A 156 -0.97 6.56 26.15
C VAL A 156 0.09 6.87 25.10
N GLN A 157 1.05 7.73 25.44
CA GLN A 157 2.18 7.94 24.55
C GLN A 157 3.37 7.13 25.06
N LEU A 158 3.74 6.09 24.33
CA LEU A 158 4.81 5.19 24.77
C LEU A 158 6.17 5.84 24.61
N LEU A 159 6.39 6.51 23.49
CA LEU A 159 7.67 7.16 23.31
C LEU A 159 7.54 8.60 23.81
N LYS A 160 8.15 8.85 24.96
CA LYS A 160 8.21 10.18 25.55
C LYS A 160 9.49 10.90 25.15
N PRO A 161 9.50 12.24 25.20
CA PRO A 161 10.73 12.99 24.92
C PRO A 161 11.82 12.75 25.97
N ASN A 162 11.45 12.18 27.10
CA ASN A 162 12.39 11.85 28.17
C ASN A 162 13.10 13.09 28.68
N ILE A 163 12.32 14.13 28.95
CA ILE A 163 12.81 15.36 29.52
C ILE A 163 12.05 15.63 30.80
N PRO A 164 12.74 16.08 31.85
CA PRO A 164 12.00 16.43 33.06
C PRO A 164 11.20 17.71 32.86
N GLU A 165 9.97 17.76 33.37
CA GLU A 165 9.21 18.99 33.29
C GLU A 165 9.85 20.05 34.15
N PRO A 166 10.30 21.15 33.53
CA PRO A 166 10.81 22.24 34.36
C PRO A 166 9.69 22.77 35.23
N GLU A 167 10.02 23.36 36.38
CA GLU A 167 9.00 23.98 37.21
C GLU A 167 9.49 25.29 37.83
N LEU A 168 8.62 25.95 38.56
CA LEU A 168 8.50 27.41 38.52
C LEU A 168 9.32 28.19 39.54
N PRO A 169 9.86 29.35 39.12
CA PRO A 169 10.71 30.24 39.91
C PRO A 169 9.96 30.87 41.10
N SER A 170 10.67 31.71 41.85
CA SER A 170 10.10 32.40 43.00
C SER A 170 9.16 33.50 42.55
N ASP A 171 9.31 33.87 41.28
CA ASP A 171 8.52 34.89 40.62
C ASP A 171 7.12 34.44 40.20
N ALA A 172 6.95 33.15 39.97
CA ALA A 172 5.73 32.60 39.36
C ALA A 172 4.43 32.96 40.08
N CYS A 173 3.44 33.42 39.31
CA CYS A 173 2.11 33.74 39.82
C CYS A 173 1.03 33.05 39.00
N THR A 174 -0.13 32.81 39.62
CA THR A 174 -1.25 32.18 38.93
C THR A 174 -2.38 33.17 38.63
N MET A 175 -2.87 33.12 37.39
CA MET A 175 -4.06 33.86 36.99
C MET A 175 -5.15 32.92 36.49
N GLU A 176 -6.36 33.08 37.01
CA GLU A 176 -7.44 32.15 36.70
C GLU A 176 -8.39 32.75 35.67
N VAL A 177 -8.47 32.14 34.50
CA VAL A 177 -9.47 32.59 33.54
C VAL A 177 -10.61 31.60 33.47
N GLN A 178 -11.76 32.00 34.02
CA GLN A 178 -12.91 31.11 34.04
C GLN A 178 -14.13 31.87 33.57
N ALA A 179 -15.08 31.14 33.01
CA ALA A 179 -16.41 31.68 32.78
C ALA A 179 -16.97 32.12 34.12
N PRO A 180 -17.89 33.10 34.13
CA PRO A 180 -18.55 33.28 35.42
C PRO A 180 -19.48 32.08 35.52
N ASN A 181 -20.32 31.96 36.54
CA ASN A 181 -21.04 30.71 36.65
C ASN A 181 -22.34 30.88 35.87
N ILE A 182 -22.33 30.27 34.68
CA ILE A 182 -23.31 30.49 33.60
C ILE A 182 -24.10 29.27 33.15
N GLN A 183 -25.24 29.48 32.50
CA GLN A 183 -26.07 28.35 32.19
C GLN A 183 -25.91 27.95 30.73
N ILE A 184 -25.50 26.70 30.53
CA ILE A 184 -25.32 26.18 29.19
C ILE A 184 -26.70 25.84 28.69
N PRO A 185 -27.03 26.34 27.49
CA PRO A 185 -28.38 26.16 26.96
C PRO A 185 -28.73 24.69 26.81
N SER A 186 -30.02 24.44 26.65
CA SER A 186 -30.53 23.09 26.54
C SER A 186 -30.39 22.67 25.08
N GLN A 187 -29.75 23.51 24.29
CA GLN A 187 -29.39 23.11 22.94
C GLN A 187 -28.34 22.01 22.97
N GLU A 188 -28.26 21.30 21.85
CA GLU A 188 -27.33 20.19 21.67
C GLU A 188 -25.88 20.60 21.77
N THR A 189 -25.56 21.67 21.05
CA THR A 189 -24.19 22.14 20.92
C THR A 189 -24.11 23.64 21.16
N THR A 190 -23.13 24.07 21.95
CA THR A 190 -22.92 25.50 22.19
C THR A 190 -21.44 25.84 22.17
N TYR A 191 -21.07 26.92 21.49
CA TYR A 191 -19.72 27.44 21.60
C TYR A 191 -19.84 28.82 22.24
N TRP A 192 -19.13 29.00 23.36
CA TRP A 192 -19.43 30.07 24.31
C TRP A 192 -18.30 31.07 24.51
N CYS A 193 -18.57 32.33 24.20
CA CYS A 193 -17.61 33.40 24.39
C CYS A 193 -17.83 34.11 25.74
N TYR A 194 -16.71 34.48 26.35
CA TYR A 194 -16.69 35.23 27.59
C TYR A 194 -15.54 36.23 27.57
N ILE A 195 -15.75 37.42 28.10
CA ILE A 195 -14.70 38.43 28.09
C ILE A 195 -14.20 38.72 29.50
N LYS A 196 -12.91 38.48 29.71
CA LYS A 196 -12.28 38.70 31.01
C LYS A 196 -11.22 39.77 30.75
N GLU A 197 -10.76 40.46 31.79
CA GLU A 197 -9.66 41.40 31.70
C GLU A 197 -8.59 41.28 32.79
N LEU A 198 -7.43 41.82 32.44
CA LEU A 198 -6.25 41.74 33.29
C LEU A 198 -6.37 42.84 34.34
N PRO A 199 -5.65 42.71 35.47
CA PRO A 199 -5.63 43.81 36.43
C PRO A 199 -5.11 45.08 35.78
N LYS A 200 -5.54 46.25 36.24
CA LYS A 200 -5.10 47.48 35.58
C LYS A 200 -3.62 47.74 35.83
N GLY A 201 -3.01 48.52 34.96
CA GLY A 201 -1.58 48.76 35.01
C GLY A 201 -0.78 47.48 34.98
N PHE A 202 -1.20 46.52 34.17
CA PHE A 202 -0.55 45.21 34.18
C PHE A 202 0.69 45.20 33.32
N SER A 203 1.83 44.98 33.95
CA SER A 203 3.10 44.91 33.24
C SER A 203 3.18 43.60 32.46
N ARG A 204 4.12 43.54 31.52
CA ARG A 204 4.15 42.50 30.50
C ARG A 204 4.64 41.17 31.06
N HIS A 205 3.99 40.06 30.76
CA HIS A 205 4.41 38.80 31.35
C HIS A 205 4.53 37.66 30.35
N HIS A 206 5.25 36.63 30.76
CA HIS A 206 5.34 35.39 30.01
C HIS A 206 4.55 34.32 30.73
N ILE A 207 3.64 33.67 30.01
CA ILE A 207 2.98 32.50 30.53
C ILE A 207 3.90 31.35 30.22
N ILE A 208 4.44 30.75 31.26
CA ILE A 208 5.28 29.58 31.11
C ILE A 208 4.56 28.26 31.41
N LYS A 209 3.32 28.33 31.86
CA LYS A 209 2.56 27.11 32.11
C LYS A 209 1.07 27.38 32.03
N TYR A 210 0.28 26.36 31.71
CA TYR A 210 -1.16 26.42 31.95
C TYR A 210 -1.78 25.04 32.13
N GLU A 211 -2.90 24.99 32.85
CA GLU A 211 -3.58 23.73 33.11
C GLU A 211 -5.10 23.92 33.09
N PRO A 212 -5.86 22.86 32.77
CA PRO A 212 -7.31 23.04 32.65
C PRO A 212 -8.05 23.14 34.00
N ILE A 213 -9.16 23.86 33.99
CA ILE A 213 -10.09 23.90 35.11
C ILE A 213 -11.50 23.55 34.65
N VAL A 214 -12.03 22.46 35.17
CA VAL A 214 -13.37 22.01 34.82
C VAL A 214 -14.18 21.72 36.10
N THR A 215 -15.42 22.21 36.14
CA THR A 215 -16.31 22.01 37.29
C THR A 215 -16.56 20.51 37.48
N LYS A 216 -16.72 20.08 38.73
CA LYS A 216 -16.70 18.66 39.07
C LYS A 216 -17.86 17.83 38.53
N GLY A 217 -18.93 18.46 38.05
CA GLY A 217 -20.01 17.69 37.48
C GLY A 217 -19.95 17.70 35.95
N ASN A 218 -19.20 18.66 35.41
CA ASN A 218 -19.10 18.91 33.98
C ASN A 218 -17.92 18.37 33.17
N GLU A 219 -17.01 17.60 33.79
CA GLU A 219 -15.75 17.14 33.14
C GLU A 219 -16.05 16.61 31.77
N ALA A 220 -17.22 16.00 31.83
CA ALA A 220 -17.93 15.27 30.80
C ALA A 220 -18.50 16.14 29.65
N LEU A 221 -19.06 17.29 30.01
CA LEU A 221 -19.70 18.19 29.07
C LEU A 221 -18.76 19.12 28.31
N VAL A 222 -17.66 19.53 28.93
CA VAL A 222 -16.75 20.49 28.30
C VAL A 222 -15.65 19.76 27.53
N HIS A 223 -15.73 19.79 26.20
CA HIS A 223 -14.75 19.10 25.37
C HIS A 223 -13.69 19.94 24.63
N HIS A 224 -13.81 21.28 24.63
CA HIS A 224 -12.76 22.14 24.08
C HIS A 224 -12.74 23.51 24.78
N MET A 225 -11.56 24.05 25.08
CA MET A 225 -11.50 25.40 25.68
C MET A 225 -10.37 26.20 25.05
N GLU A 226 -10.60 27.48 24.78
CA GLU A 226 -9.53 28.27 24.19
C GLU A 226 -9.48 29.69 24.77
N VAL A 227 -8.27 30.20 24.97
CA VAL A 227 -8.09 31.57 25.44
C VAL A 227 -7.33 32.43 24.43
N PHE A 228 -7.95 33.56 24.09
CA PHE A 228 -7.50 34.46 23.03
C PHE A 228 -7.21 35.90 23.43
N GLN A 229 -6.46 36.57 22.56
CA GLN A 229 -6.23 38.01 22.62
C GLN A 229 -6.76 38.65 21.31
N CYS A 230 -7.59 39.69 21.38
CA CYS A 230 -7.99 40.46 20.18
C CYS A 230 -6.80 41.26 19.68
N ALA A 231 -7.05 41.95 18.57
CA ALA A 231 -6.08 42.85 17.99
C ALA A 231 -5.72 43.94 18.99
N PRO A 232 -4.42 44.21 19.13
CA PRO A 232 -3.74 45.19 19.98
C PRO A 232 -4.23 46.64 19.88
N GLU A 233 -4.58 47.10 18.68
CA GLU A 233 -4.86 48.52 18.39
C GLU A 233 -6.03 49.13 19.15
N MET A 234 -6.71 48.29 19.91
CA MET A 234 -8.09 48.50 20.32
C MET A 234 -8.44 48.27 21.81
N ASP A 235 -9.34 49.09 22.34
CA ASP A 235 -9.74 48.98 23.75
C ASP A 235 -11.19 48.51 23.83
N SER A 236 -11.38 47.27 24.30
CA SER A 236 -12.54 46.47 23.94
C SER A 236 -13.79 46.56 24.83
N VAL A 237 -14.80 45.80 24.39
CA VAL A 237 -16.16 45.80 24.91
C VAL A 237 -16.19 45.42 26.40
N PRO A 238 -17.22 45.90 27.14
CA PRO A 238 -17.43 45.57 28.55
C PRO A 238 -17.69 44.09 28.83
N HIS A 239 -17.81 43.79 30.12
CA HIS A 239 -17.72 42.42 30.64
C HIS A 239 -18.93 41.55 30.23
N PHE A 240 -18.63 40.34 29.76
CA PHE A 240 -19.58 39.49 29.07
C PHE A 240 -19.54 37.97 29.27
N SER A 241 -20.71 37.31 29.42
CA SER A 241 -20.81 35.85 29.35
C SER A 241 -21.96 35.33 28.49
N GLY A 242 -21.66 34.55 27.43
CA GLY A 242 -22.71 34.00 26.56
C GLY A 242 -22.24 33.38 25.25
N PRO A 243 -23.16 32.79 24.45
CA PRO A 243 -22.80 32.05 23.22
C PRO A 243 -22.03 32.86 22.17
N CYS A 244 -21.27 32.21 21.29
CA CYS A 244 -20.45 32.94 20.33
C CYS A 244 -21.14 33.33 19.03
N ASP A 245 -22.26 32.69 18.69
CA ASP A 245 -23.10 33.31 17.69
C ASP A 245 -24.41 33.58 18.39
N SER A 246 -24.73 34.84 18.23
CA SER A 246 -25.76 35.61 18.85
C SER A 246 -25.43 36.84 18.04
N LYS A 247 -26.33 37.80 17.84
CA LYS A 247 -25.84 39.14 17.52
C LYS A 247 -25.97 40.12 18.72
N MET A 248 -26.48 39.70 19.90
CA MET A 248 -26.43 40.58 21.07
C MET A 248 -25.00 41.03 21.22
N LYS A 249 -24.09 40.32 20.53
CA LYS A 249 -22.69 40.54 20.73
C LYS A 249 -21.78 40.95 19.61
N PRO A 250 -20.92 41.89 19.99
CA PRO A 250 -20.75 43.13 19.27
C PRO A 250 -19.83 42.95 18.12
N ASP A 251 -19.99 43.68 17.01
CA ASP A 251 -18.87 44.35 16.37
C ASP A 251 -17.64 43.45 16.38
N ARG A 252 -16.73 43.94 17.19
CA ARG A 252 -15.48 43.40 17.65
C ARG A 252 -15.73 42.20 18.59
N LEU A 253 -14.69 41.69 19.22
CA LEU A 253 -14.38 40.26 19.35
C LEU A 253 -14.32 39.78 17.92
N ASN A 254 -14.60 38.52 17.62
CA ASN A 254 -14.50 38.02 16.23
C ASN A 254 -13.13 38.33 15.59
N TYR A 255 -12.45 39.27 16.23
CA TYR A 255 -11.20 39.87 15.84
C TYR A 255 -10.10 39.28 16.71
N CYS A 256 -10.46 38.41 17.65
CA CYS A 256 -9.41 37.76 18.42
C CYS A 256 -9.28 36.37 17.94
N ARG A 257 -8.34 36.12 17.05
CA ARG A 257 -7.91 34.76 16.79
C ARG A 257 -6.57 34.49 17.46
N HIS A 258 -5.98 35.51 18.09
CA HIS A 258 -4.67 35.31 18.71
C HIS A 258 -4.79 34.39 19.90
N VAL A 259 -3.84 33.49 20.09
CA VAL A 259 -4.10 32.35 20.96
C VAL A 259 -3.13 32.31 22.12
N LEU A 260 -3.66 32.56 23.31
CA LEU A 260 -2.89 32.35 24.54
C LEU A 260 -2.90 30.89 24.97
N ALA A 261 -4.06 30.24 24.90
CA ALA A 261 -4.16 28.87 25.42
C ALA A 261 -5.14 28.00 24.66
N ALA A 262 -4.85 26.69 24.59
CA ALA A 262 -5.73 25.74 23.93
C ALA A 262 -5.83 24.43 24.70
N TRP A 263 -7.05 23.94 24.89
CA TRP A 263 -7.29 22.67 25.57
C TRP A 263 -8.32 21.81 24.85
N ALA A 264 -8.05 20.51 24.81
CA ALA A 264 -8.93 19.51 24.23
C ALA A 264 -8.86 18.24 25.06
N LEU A 265 -9.78 17.30 24.83
CA LEU A 265 -9.84 16.08 25.62
C LEU A 265 -8.52 15.32 25.67
N GLY A 266 -8.12 14.93 26.88
CA GLY A 266 -6.92 14.14 27.08
C GLY A 266 -5.70 14.97 27.42
N ALA A 267 -5.77 16.27 27.15
CA ALA A 267 -4.63 17.14 27.41
C ALA A 267 -4.51 17.50 28.88
N LYS A 268 -3.37 17.17 29.47
CA LYS A 268 -3.06 17.52 30.86
C LYS A 268 -2.28 18.82 30.88
N ALA A 269 -1.74 19.20 32.03
CA ALA A 269 -1.03 20.46 32.17
C ALA A 269 0.16 20.57 31.22
N PHE A 270 0.48 21.80 30.82
CA PHE A 270 1.58 22.04 29.89
C PHE A 270 2.65 22.99 30.43
N TYR A 271 3.91 22.58 30.29
CA TYR A 271 5.05 23.34 30.78
C TYR A 271 5.89 23.82 29.60
N TYR A 272 6.31 25.08 29.64
CA TYR A 272 7.13 25.65 28.58
C TYR A 272 8.63 25.29 28.70
N PRO A 273 9.31 25.16 27.53
CA PRO A 273 10.66 24.68 27.20
C PRO A 273 11.88 25.35 27.84
N GLU A 274 11.69 26.49 28.51
CA GLU A 274 12.73 27.34 29.11
C GLU A 274 13.42 28.29 28.15
N GLU A 275 13.33 28.06 26.84
CA GLU A 275 13.90 29.03 25.92
C GLU A 275 12.88 30.14 25.75
N ALA A 276 11.62 29.80 26.01
CA ALA A 276 10.52 30.69 25.67
C ALA A 276 9.37 30.69 26.67
N GLY A 277 8.54 31.71 26.55
CA GLY A 277 7.31 31.85 27.32
C GLY A 277 6.37 32.65 26.44
N LEU A 278 5.10 32.73 26.79
CA LEU A 278 4.16 33.43 25.92
C LEU A 278 3.78 34.82 26.43
N ALA A 279 4.03 35.84 25.62
CA ALA A 279 3.95 37.22 26.09
C ALA A 279 2.53 37.78 26.07
N PHE A 280 2.10 38.34 27.20
CA PHE A 280 0.83 39.05 27.25
C PHE A 280 0.84 40.20 28.26
N GLY A 281 0.14 41.28 27.91
CA GLY A 281 0.21 42.53 28.65
C GLY A 281 1.26 43.52 28.18
N GLY A 282 1.62 44.46 29.04
CA GLY A 282 2.63 45.45 28.72
C GLY A 282 2.17 46.42 27.65
N PRO A 283 2.95 47.47 27.38
CA PRO A 283 2.60 48.46 26.35
C PRO A 283 2.62 47.89 24.93
N GLY A 284 1.77 48.40 24.06
CA GLY A 284 1.81 48.08 22.63
C GLY A 284 1.30 46.70 22.26
N SER A 285 1.04 45.88 23.27
CA SER A 285 0.32 44.63 23.06
C SER A 285 -0.65 44.51 24.22
N SER A 286 -1.86 44.10 23.90
CA SER A 286 -3.00 44.70 24.54
C SER A 286 -3.96 43.89 25.43
N ARG A 287 -5.02 44.61 25.83
CA ARG A 287 -6.38 44.14 26.14
C ARG A 287 -6.86 43.07 27.16
N TYR A 288 -7.90 42.40 26.69
CA TYR A 288 -8.85 41.55 27.36
C TYR A 288 -8.54 40.16 26.92
N LEU A 289 -8.91 39.17 27.71
CA LEU A 289 -8.76 37.81 27.25
C LEU A 289 -10.16 37.30 26.89
N ARG A 290 -10.22 36.53 25.81
CA ARG A 290 -11.49 36.00 25.34
C ARG A 290 -11.47 34.50 25.54
N LEU A 291 -12.42 33.99 26.30
CA LEU A 291 -12.49 32.58 26.53
C LEU A 291 -13.62 31.98 25.72
N GLU A 292 -13.31 30.93 24.96
CA GLU A 292 -14.33 30.24 24.20
C GLU A 292 -14.38 28.78 24.65
N VAL A 293 -15.52 28.40 25.20
CA VAL A 293 -15.71 27.05 25.70
C VAL A 293 -16.73 26.29 24.86
N HIS A 294 -16.36 25.10 24.45
CA HIS A 294 -17.22 24.25 23.64
C HIS A 294 -17.94 23.21 24.47
N TYR A 295 -19.27 23.33 24.47
CA TYR A 295 -20.15 22.43 25.19
C TYR A 295 -20.92 21.53 24.25
N HIS A 296 -20.72 20.22 24.43
CA HIS A 296 -21.47 19.19 23.74
C HIS A 296 -22.40 18.53 24.76
N ASN A 297 -23.71 18.60 24.50
CA ASN A 297 -24.70 18.27 25.53
C ASN A 297 -25.78 17.27 25.07
N PRO A 298 -25.40 15.99 24.88
CA PRO A 298 -26.38 14.94 24.55
C PRO A 298 -27.36 14.78 25.71
N LEU A 299 -26.89 15.23 26.86
CA LEU A 299 -27.60 15.18 28.12
C LEU A 299 -28.88 16.00 27.96
N VAL A 300 -28.72 17.26 27.55
CA VAL A 300 -29.82 18.20 27.32
C VAL A 300 -30.92 18.09 28.38
N ILE A 301 -30.58 18.50 29.59
CA ILE A 301 -31.52 18.62 30.71
C ILE A 301 -31.28 20.01 31.33
N GLU A 302 -32.07 20.39 32.33
CA GLU A 302 -32.13 21.75 32.87
C GLU A 302 -30.74 22.29 33.08
N GLY A 303 -30.57 23.58 32.78
CA GLY A 303 -29.25 24.15 32.68
C GLY A 303 -28.40 23.84 33.88
N ARG A 304 -27.28 23.21 33.59
CA ARG A 304 -26.32 22.79 34.58
C ARG A 304 -25.41 23.97 34.66
N ASN A 305 -25.25 24.52 35.84
CA ASN A 305 -24.59 25.79 35.84
C ASN A 305 -23.10 25.56 36.07
N ASP A 306 -22.32 26.25 35.24
CA ASP A 306 -20.89 26.00 35.03
C ASP A 306 -19.97 27.25 34.94
N SER A 307 -18.95 27.34 35.80
CA SER A 307 -17.82 28.22 35.55
C SER A 307 -16.52 27.39 35.33
N SER A 308 -16.05 27.34 34.08
CA SER A 308 -14.96 26.45 33.63
C SER A 308 -13.97 27.31 32.86
N GLY A 309 -12.73 26.87 32.73
CA GLY A 309 -11.73 27.72 32.11
C GLY A 309 -10.33 27.14 32.17
N ILE A 310 -9.34 28.02 32.06
CA ILE A 310 -7.94 27.61 32.08
C ILE A 310 -7.20 28.41 33.16
N ARG A 311 -6.22 27.78 33.79
CA ARG A 311 -5.36 28.42 34.77
C ARG A 311 -3.98 28.70 34.19
N LEU A 312 -3.54 29.94 34.29
CA LEU A 312 -2.26 30.37 33.77
C LEU A 312 -1.20 30.52 34.86
N TYR A 313 -0.01 30.00 34.57
CA TYR A 313 1.16 30.21 35.39
C TYR A 313 2.15 31.09 34.64
N TYR A 314 2.42 32.27 35.18
CA TYR A 314 3.25 33.24 34.51
C TYR A 314 4.39 33.74 35.39
N THR A 315 5.41 34.27 34.75
CA THR A 315 6.63 34.77 35.39
C THR A 315 6.64 36.24 35.06
N ALA A 316 7.36 37.04 35.84
CA ALA A 316 7.27 38.45 35.63
C ALA A 316 7.72 38.86 34.24
N LYS A 317 9.04 38.84 33.99
CA LYS A 317 9.54 39.12 32.64
C LYS A 317 10.43 38.03 32.07
N LEU A 318 11.03 38.41 30.96
CA LEU A 318 11.48 37.55 29.87
C LEU A 318 12.38 36.32 30.12
N ARG A 319 12.03 35.21 29.48
CA ARG A 319 12.98 34.15 29.16
C ARG A 319 13.49 34.51 27.78
N ARG A 320 14.42 33.73 27.22
CA ARG A 320 15.18 34.19 26.05
C ARG A 320 14.31 34.62 24.87
N PHE A 321 13.33 33.78 24.52
CA PHE A 321 12.50 34.04 23.35
C PHE A 321 11.02 34.14 23.67
N ASN A 322 10.27 34.82 22.81
CA ASN A 322 8.81 34.79 22.90
C ASN A 322 8.26 33.63 22.09
N ALA A 323 7.42 32.80 22.72
CA ALA A 323 6.84 31.66 22.01
C ALA A 323 5.51 31.99 21.39
N GLY A 324 5.32 31.58 20.14
CA GLY A 324 4.04 31.71 19.47
C GLY A 324 3.34 30.38 19.24
N ILE A 325 2.09 30.46 18.84
CA ILE A 325 1.27 29.30 18.52
C ILE A 325 0.72 29.49 17.11
N MET A 326 0.94 28.51 16.24
CA MET A 326 0.49 28.63 14.85
C MET A 326 -0.46 27.51 14.46
N GLU A 327 -1.54 27.87 13.77
CA GLU A 327 -2.55 26.91 13.35
C GLU A 327 -2.26 26.43 11.93
N LEU A 328 -1.88 25.18 11.77
CA LEU A 328 -1.64 24.63 10.45
C LEU A 328 -2.85 23.79 10.07
N GLY A 329 -3.29 23.84 8.81
CA GLY A 329 -4.39 22.94 8.49
C GLY A 329 -5.40 23.30 7.43
N LEU A 330 -6.58 22.67 7.54
CA LEU A 330 -7.73 23.04 6.71
C LEU A 330 -8.55 24.13 7.37
N VAL A 331 -8.96 25.12 6.58
CA VAL A 331 -9.88 26.16 7.05
C VAL A 331 -11.22 25.46 7.28
N TYR A 332 -12.10 26.05 8.07
CA TYR A 332 -13.35 25.34 8.33
C TYR A 332 -14.32 25.80 7.26
N THR A 333 -14.56 24.90 6.32
CA THR A 333 -15.43 25.17 5.18
C THR A 333 -16.09 23.87 4.76
N PRO A 334 -17.32 23.95 4.23
CA PRO A 334 -17.97 22.73 3.75
C PRO A 334 -17.31 22.11 2.52
N VAL A 335 -16.51 22.88 1.77
CA VAL A 335 -15.96 22.38 0.51
C VAL A 335 -15.04 21.18 0.69
N MET A 336 -14.49 21.01 1.89
CA MET A 336 -13.69 19.83 2.20
C MET A 336 -14.59 18.77 2.80
N ALA A 337 -14.69 17.62 2.15
CA ALA A 337 -15.65 16.60 2.56
C ALA A 337 -15.08 15.19 2.48
N ILE A 338 -15.58 14.33 3.37
CA ILE A 338 -15.22 12.92 3.37
C ILE A 338 -16.43 12.06 3.01
N PRO A 339 -16.35 11.31 1.90
CA PRO A 339 -17.44 10.40 1.53
C PRO A 339 -17.70 9.33 2.58
N PRO A 340 -18.93 8.82 2.66
CA PRO A 340 -19.27 7.79 3.65
C PRO A 340 -18.68 6.43 3.31
N ARG A 341 -18.61 5.57 4.30
CA ARG A 341 -18.14 4.20 4.14
C ARG A 341 -16.72 4.14 3.59
N GLU A 342 -15.85 5.01 4.09
CA GLU A 342 -14.45 5.00 3.70
C GLU A 342 -13.59 4.46 4.85
N THR A 343 -12.72 3.49 4.53
CA THR A 343 -11.81 2.94 5.53
C THR A 343 -10.74 3.93 5.92
N ALA A 344 -10.04 4.45 4.92
CA ALA A 344 -9.08 5.53 5.12
C ALA A 344 -9.25 6.55 4.02
N PHE A 345 -9.61 7.77 4.40
CA PHE A 345 -9.72 8.84 3.40
C PHE A 345 -8.92 10.05 3.86
N ILE A 346 -8.07 10.55 2.98
CA ILE A 346 -7.09 11.55 3.36
C ILE A 346 -7.46 12.95 2.89
N LEU A 347 -7.49 13.88 3.84
CA LEU A 347 -7.66 15.29 3.54
C LEU A 347 -6.36 16.01 3.85
N THR A 348 -5.93 16.85 2.92
CA THR A 348 -4.64 17.52 3.03
C THR A 348 -4.80 19.03 2.96
N GLY A 349 -4.01 19.75 3.74
CA GLY A 349 -3.98 21.19 3.69
C GLY A 349 -2.56 21.66 3.85
N TYR A 350 -2.32 22.93 3.50
CA TYR A 350 -0.96 23.39 3.25
C TYR A 350 -0.63 24.76 3.83
N CYS A 351 0.66 24.91 4.16
CA CYS A 351 1.25 26.23 4.33
C CYS A 351 2.27 26.40 3.21
N THR A 352 1.94 27.26 2.26
CA THR A 352 2.72 27.43 1.04
C THR A 352 3.99 28.23 1.26
N ASP A 353 4.94 28.06 0.35
CA ASP A 353 6.22 28.76 0.39
C ASP A 353 6.08 30.27 0.37
N LYS A 354 4.98 30.74 -0.23
CA LYS A 354 4.72 32.17 -0.37
C LYS A 354 4.38 32.78 0.98
N CYS A 355 3.58 32.03 1.72
CA CYS A 355 3.15 32.43 3.06
C CYS A 355 4.31 32.43 4.04
N THR A 356 5.14 31.40 3.99
CA THR A 356 6.28 31.31 4.89
C THR A 356 7.33 32.36 4.52
N GLN A 357 7.55 32.54 3.23
CA GLN A 357 8.49 33.54 2.76
C GLN A 357 8.06 34.92 3.25
N LEU A 358 6.76 35.18 3.18
CA LEU A 358 6.25 36.48 3.62
C LEU A 358 6.31 36.66 5.14
N ALA A 359 5.83 35.66 5.87
CA ALA A 359 5.59 35.79 7.30
C ALA A 359 6.71 35.28 8.22
N LEU A 360 7.79 34.74 7.66
CA LEU A 360 8.84 34.19 8.51
C LEU A 360 10.14 34.99 8.46
N PRO A 361 10.84 35.06 9.61
CA PRO A 361 12.17 35.65 9.73
C PRO A 361 13.24 34.85 9.02
N PRO A 362 14.33 35.50 8.59
CA PRO A 362 15.44 34.82 7.91
C PRO A 362 15.97 33.65 8.74
N SER A 363 16.03 33.84 10.05
CA SER A 363 16.45 32.78 10.97
C SER A 363 15.48 31.61 10.98
N GLY A 364 14.20 31.90 10.75
CA GLY A 364 13.17 30.89 10.79
C GLY A 364 12.60 30.71 12.18
N ILE A 365 11.79 29.67 12.35
CA ILE A 365 11.22 29.38 13.66
C ILE A 365 11.60 27.97 14.09
N HIS A 366 11.50 27.73 15.40
CA HIS A 366 11.82 26.42 15.94
C HIS A 366 10.61 25.85 16.65
N ILE A 367 10.12 24.72 16.16
CA ILE A 367 8.94 24.10 16.71
C ILE A 367 9.32 23.11 17.79
N PHE A 368 8.98 23.44 19.02
CA PHE A 368 9.17 22.53 20.13
C PHE A 368 7.92 21.76 20.53
N ALA A 369 6.77 22.07 19.93
CA ALA A 369 5.57 21.34 20.33
C ALA A 369 4.47 21.27 19.28
N SER A 370 3.62 20.27 19.42
CA SER A 370 2.49 20.11 18.51
C SER A 370 1.29 19.44 19.19
N GLN A 371 0.09 19.88 18.82
CA GLN A 371 -1.15 19.26 19.26
C GLN A 371 -2.03 18.99 18.05
N LEU A 372 -2.47 17.75 17.89
CA LEU A 372 -3.25 17.37 16.71
C LEU A 372 -4.74 17.36 17.03
N HIS A 373 -5.54 17.86 16.09
CA HIS A 373 -6.98 18.02 16.32
C HIS A 373 -7.85 17.59 15.14
N THR A 374 -8.75 16.65 15.41
CA THR A 374 -9.82 16.27 14.49
C THR A 374 -11.10 16.02 15.28
N HIS A 375 -12.18 15.72 14.56
CA HIS A 375 -13.43 15.26 15.16
C HIS A 375 -13.52 13.74 15.13
N LEU A 376 -14.70 13.22 15.47
CA LEU A 376 -14.89 11.81 15.81
C LEU A 376 -14.36 10.78 14.80
N THR A 377 -14.32 11.13 13.52
CA THR A 377 -13.92 10.17 12.50
C THR A 377 -12.42 10.19 12.23
N GLY A 378 -11.69 11.02 12.95
CA GLY A 378 -10.25 11.12 12.76
C GLY A 378 -9.46 9.91 13.22
N ARG A 379 -8.53 9.47 12.38
CA ARG A 379 -7.72 8.29 12.67
C ARG A 379 -6.24 8.63 12.65
N LYS A 380 -5.73 9.05 11.50
CA LYS A 380 -4.32 9.45 11.43
C LYS A 380 -4.13 10.96 11.25
N VAL A 381 -3.06 11.50 11.81
CA VAL A 381 -2.68 12.89 11.56
C VAL A 381 -1.18 13.02 11.40
N VAL A 382 -0.72 13.70 10.35
CA VAL A 382 0.71 13.91 10.14
C VAL A 382 1.03 15.29 9.54
N THR A 383 2.10 15.90 10.02
CA THR A 383 2.61 17.14 9.43
C THR A 383 4.08 16.98 9.06
N VAL A 384 4.39 17.27 7.80
CA VAL A 384 5.74 17.15 7.25
C VAL A 384 6.26 18.47 6.69
N LEU A 385 7.59 18.59 6.64
CA LEU A 385 8.27 19.77 6.12
C LEU A 385 8.90 19.49 4.75
N VAL A 386 8.58 20.34 3.77
CA VAL A 386 9.02 20.15 2.39
C VAL A 386 9.78 21.36 1.83
N ARG A 387 10.94 21.13 1.24
CA ARG A 387 11.72 22.22 0.64
C ARG A 387 11.86 22.06 -0.88
N ASP A 388 11.22 22.95 -1.63
CA ASP A 388 11.20 22.87 -3.10
C ASP A 388 10.89 21.46 -3.61
N GLY A 389 9.80 20.90 -3.11
CA GLY A 389 9.30 19.63 -3.58
C GLY A 389 10.06 18.41 -3.09
N ARG A 390 10.85 18.58 -2.03
CA ARG A 390 11.55 17.46 -1.44
C ARG A 390 11.18 17.47 0.05
N GLU A 391 10.80 16.32 0.57
CA GLU A 391 10.34 16.22 1.95
C GLU A 391 11.59 16.24 2.80
N TRP A 392 11.67 17.15 3.76
CA TRP A 392 12.87 17.25 4.57
C TRP A 392 12.69 16.49 5.88
N GLU A 393 11.71 16.90 6.67
CA GLU A 393 11.58 16.34 8.00
C GLU A 393 10.12 16.11 8.37
N ILE A 394 9.88 15.18 9.27
CA ILE A 394 8.54 14.94 9.79
C ILE A 394 8.37 15.83 11.00
N VAL A 395 7.45 16.78 10.92
CA VAL A 395 7.20 17.66 12.04
C VAL A 395 6.50 16.91 13.16
N ASN A 396 5.37 16.28 12.83
CA ASN A 396 4.69 15.47 13.84
C ASN A 396 3.90 14.32 13.23
N GLN A 397 3.87 13.18 13.90
CA GLN A 397 3.16 12.03 13.35
C GLN A 397 2.41 11.22 14.40
N ASP A 398 1.12 11.00 14.16
CA ASP A 398 0.38 9.97 14.88
C ASP A 398 -0.44 9.14 13.90
N ASN A 399 -0.09 7.88 13.73
CA ASN A 399 -0.88 6.96 12.90
C ASN A 399 -2.04 6.33 13.66
N HIS A 400 -1.89 6.28 14.97
CA HIS A 400 -2.87 5.70 15.88
C HIS A 400 -3.78 6.73 16.54
N TYR A 401 -3.68 7.98 16.10
CA TYR A 401 -4.36 9.11 16.74
C TYR A 401 -5.85 8.90 16.99
N SER A 402 -6.30 9.33 18.16
CA SER A 402 -7.71 9.28 18.52
C SER A 402 -8.22 10.64 18.97
N PRO A 403 -9.47 10.98 18.61
CA PRO A 403 -10.06 12.24 19.02
C PRO A 403 -10.25 12.34 20.52
N HIS A 404 -10.40 11.20 21.19
CA HIS A 404 -10.60 11.18 22.62
C HIS A 404 -9.31 11.48 23.35
N PHE A 405 -8.19 11.16 22.71
CA PHE A 405 -6.89 11.46 23.29
C PHE A 405 -6.21 12.51 22.43
N GLN A 406 -6.17 13.73 22.95
CA GLN A 406 -5.52 14.83 22.25
C GLN A 406 -4.69 15.57 23.26
N GLU A 407 -3.38 15.56 23.06
CA GLU A 407 -2.52 16.21 24.03
C GLU A 407 -1.45 17.02 23.33
N ILE A 408 -0.94 18.02 24.01
CA ILE A 408 0.14 18.83 23.49
C ILE A 408 1.44 18.09 23.78
N ARG A 409 2.17 17.76 22.72
CA ARG A 409 3.37 16.97 22.87
C ARG A 409 4.62 17.81 22.62
N MET A 410 5.57 17.73 23.54
CA MET A 410 6.89 18.29 23.28
C MET A 410 7.53 17.40 22.24
N LEU A 411 8.04 18.00 21.17
CA LEU A 411 8.68 17.21 20.13
C LEU A 411 10.03 16.72 20.63
N LYS A 412 10.34 15.47 20.35
CA LYS A 412 11.62 14.90 20.74
C LYS A 412 12.75 15.68 20.07
N LYS A 413 12.57 16.00 18.81
CA LYS A 413 13.53 16.86 18.13
C LYS A 413 12.84 18.15 17.69
N VAL A 414 13.39 19.27 18.13
CA VAL A 414 12.89 20.59 17.76
C VAL A 414 13.09 20.79 16.25
N VAL A 415 12.04 21.24 15.57
CA VAL A 415 12.12 21.30 14.10
C VAL A 415 12.23 22.73 13.57
N SER A 416 13.24 22.98 12.76
CA SER A 416 13.48 24.32 12.25
C SER A 416 12.80 24.54 10.90
N VAL A 417 11.93 25.54 10.86
CA VAL A 417 11.21 25.90 9.64
C VAL A 417 11.69 27.25 9.11
N HIS A 418 12.06 27.28 7.84
CA HIS A 418 12.62 28.47 7.21
C HIS A 418 11.66 29.04 6.17
N PRO A 419 11.82 30.33 5.82
CA PRO A 419 11.00 30.92 4.77
C PRO A 419 11.14 30.19 3.44
N GLY A 420 10.03 30.02 2.73
CA GLY A 420 10.01 29.31 1.46
C GLY A 420 9.79 27.82 1.62
N ASP A 421 9.76 27.34 2.86
CA ASP A 421 9.42 25.94 3.12
C ASP A 421 7.92 25.76 3.06
N VAL A 422 7.49 24.55 2.73
CA VAL A 422 6.08 24.23 2.68
C VAL A 422 5.75 23.27 3.82
N LEU A 423 4.70 23.56 4.57
CA LEU A 423 4.28 22.64 5.62
C LEU A 423 3.04 21.89 5.18
N ILE A 424 3.13 20.58 5.08
CA ILE A 424 2.02 19.79 4.58
C ILE A 424 1.37 18.97 5.69
N THR A 425 0.08 19.20 5.91
CA THR A 425 -0.65 18.54 6.98
C THR A 425 -1.77 17.66 6.42
N SER A 426 -1.76 16.38 6.81
CA SER A 426 -2.73 15.43 6.30
C SER A 426 -3.44 14.68 7.42
N CYS A 427 -4.75 14.51 7.27
CA CYS A 427 -5.55 13.74 8.21
C CYS A 427 -6.27 12.61 7.50
N THR A 428 -6.24 11.43 8.11
CA THR A 428 -6.92 10.25 7.60
C THR A 428 -8.14 9.91 8.44
N TYR A 429 -9.30 9.85 7.78
CA TYR A 429 -10.60 9.66 8.42
C TYR A 429 -11.25 8.32 8.06
N ASN A 430 -12.07 7.82 8.99
CA ASN A 430 -12.90 6.64 8.76
C ASN A 430 -14.38 6.99 8.92
N THR A 431 -15.11 6.97 7.81
CA THR A 431 -16.54 7.33 7.79
C THR A 431 -17.52 6.16 7.89
N GLU A 432 -17.01 4.95 8.10
CA GLU A 432 -17.82 3.73 8.00
C GLU A 432 -19.15 3.75 8.79
N ASP A 433 -19.21 4.53 9.86
CA ASP A 433 -20.42 4.59 10.68
C ASP A 433 -21.37 5.69 10.21
N ARG A 434 -21.02 6.36 9.12
CA ARG A 434 -21.80 7.48 8.61
C ARG A 434 -22.53 7.16 7.31
N GLU A 435 -23.80 7.53 7.23
CA GLU A 435 -24.59 7.27 6.03
C GLU A 435 -24.49 8.40 5.01
N LEU A 436 -23.93 9.53 5.43
CA LEU A 436 -23.83 10.68 4.55
C LEU A 436 -22.41 11.21 4.47
N ALA A 437 -22.13 12.03 3.47
CA ALA A 437 -20.84 12.67 3.33
C ALA A 437 -20.55 13.56 4.53
N THR A 438 -19.36 13.41 5.09
CA THR A 438 -18.95 14.23 6.23
C THR A 438 -18.16 15.43 5.71
N VAL A 439 -18.53 16.62 6.18
CA VAL A 439 -17.94 17.85 5.65
C VAL A 439 -17.21 18.63 6.73
N GLY A 440 -16.32 19.52 6.31
CA GLY A 440 -15.63 20.39 7.25
C GLY A 440 -16.57 21.38 7.89
N GLY A 441 -16.48 21.52 9.21
CA GLY A 441 -17.37 22.43 9.91
C GLY A 441 -17.27 22.34 11.42
N PHE A 442 -18.02 23.22 12.09
CA PHE A 442 -18.02 23.30 13.54
C PHE A 442 -18.86 22.22 14.19
N GLY A 443 -19.86 21.72 13.47
CA GLY A 443 -20.79 20.75 14.02
C GLY A 443 -20.16 19.44 14.44
N ILE A 444 -20.89 18.72 15.28
CA ILE A 444 -20.47 17.41 15.79
C ILE A 444 -20.40 16.38 14.66
N LEU A 445 -21.23 16.57 13.65
CA LEU A 445 -21.32 15.65 12.51
C LEU A 445 -20.37 16.12 11.41
N GLU A 446 -19.58 17.13 11.72
CA GLU A 446 -18.64 17.71 10.76
C GLU A 446 -17.20 17.60 11.27
N GLU A 447 -16.23 17.84 10.38
CA GLU A 447 -14.85 17.46 10.65
C GLU A 447 -13.83 18.60 10.58
N MET A 448 -12.67 18.35 11.20
CA MET A 448 -11.57 19.29 11.23
C MET A 448 -10.23 18.60 10.98
N CYS A 449 -9.30 19.32 10.36
CA CYS A 449 -7.91 18.88 10.34
C CYS A 449 -7.03 20.04 10.82
N VAL A 450 -6.46 19.91 12.01
CA VAL A 450 -5.68 21.03 12.57
C VAL A 450 -4.44 20.56 13.32
N ASN A 451 -3.34 21.27 13.14
CA ASN A 451 -2.15 21.07 13.94
C ASN A 451 -1.73 22.37 14.61
N TYR A 452 -1.83 22.40 15.94
CA TYR A 452 -1.38 23.54 16.71
C TYR A 452 0.10 23.41 17.00
N VAL A 453 0.88 24.37 16.53
CA VAL A 453 2.33 24.30 16.66
C VAL A 453 2.84 25.33 17.65
N HIS A 454 3.61 24.88 18.63
CA HIS A 454 4.19 25.78 19.60
C HIS A 454 5.67 25.97 19.27
N TYR A 455 6.02 27.22 18.97
CA TYR A 455 7.29 27.57 18.34
C TYR A 455 7.91 28.85 18.88
N TYR A 456 9.17 29.10 18.54
CA TYR A 456 9.80 30.39 18.80
C TYR A 456 10.71 30.77 17.63
N PRO A 457 10.95 32.08 17.40
CA PRO A 457 10.40 33.28 18.03
C PRO A 457 9.00 33.60 17.53
N GLN A 458 8.20 34.28 18.36
CA GLN A 458 6.83 34.62 17.98
C GLN A 458 6.78 35.48 16.73
N THR A 459 5.84 35.18 15.85
CA THR A 459 5.62 35.95 14.64
C THR A 459 4.15 36.37 14.60
N GLN A 460 3.75 37.07 13.55
CA GLN A 460 2.37 37.47 13.41
C GLN A 460 1.55 36.40 12.69
N LEU A 461 2.23 35.35 12.23
CA LEU A 461 1.55 34.27 11.54
C LEU A 461 0.89 33.34 12.54
N GLU A 462 -0.43 33.21 12.43
CA GLU A 462 -1.18 32.30 13.28
C GLU A 462 -1.86 31.22 12.46
N LEU A 463 -2.76 31.62 11.58
CA LEU A 463 -3.39 30.64 10.73
C LEU A 463 -2.70 30.55 9.39
N CYS A 464 -2.03 29.42 9.21
CA CYS A 464 -1.57 28.97 7.91
C CYS A 464 -2.44 27.76 7.56
N LYS A 465 -3.33 27.96 6.61
CA LYS A 465 -4.34 26.97 6.31
C LYS A 465 -4.70 27.03 4.85
N SER A 466 -5.34 25.99 4.35
CA SER A 466 -5.77 26.00 2.96
C SER A 466 -7.10 25.29 2.78
N ALA A 467 -7.68 25.47 1.60
CA ALA A 467 -8.88 24.73 1.24
C ALA A 467 -8.93 24.65 -0.27
N VAL A 468 -9.72 23.73 -0.80
CA VAL A 468 -9.87 23.63 -2.24
C VAL A 468 -10.62 24.86 -2.75
N ASP A 469 -10.33 25.25 -3.99
CA ASP A 469 -11.02 26.37 -4.59
C ASP A 469 -12.48 26.02 -4.84
N ALA A 470 -13.37 26.92 -4.46
CA ALA A 470 -14.81 26.67 -4.53
C ALA A 470 -15.27 26.40 -5.97
N GLY A 471 -14.74 27.18 -6.91
CA GLY A 471 -15.11 27.05 -8.30
C GLY A 471 -14.80 25.67 -8.83
N PHE A 472 -13.63 25.15 -8.44
CA PHE A 472 -13.22 23.83 -8.87
C PHE A 472 -14.13 22.75 -8.29
N LEU A 473 -14.61 22.97 -7.07
CA LEU A 473 -15.56 22.04 -6.47
C LEU A 473 -16.88 22.07 -7.23
N GLN A 474 -17.27 23.26 -7.67
CA GLN A 474 -18.49 23.40 -8.45
C GLN A 474 -18.38 22.67 -9.78
N LYS A 475 -17.27 22.88 -10.50
CA LYS A 475 -17.09 22.13 -11.75
C LYS A 475 -16.99 20.63 -11.47
N TYR A 476 -16.53 20.25 -10.29
CA TYR A 476 -16.57 18.84 -9.89
C TYR A 476 -18.01 18.33 -9.85
N PHE A 477 -18.85 19.06 -9.12
CA PHE A 477 -20.26 18.68 -8.95
C PHE A 477 -20.95 18.60 -10.31
N HIS A 478 -20.64 19.55 -11.18
CA HIS A 478 -21.30 19.61 -12.46
C HIS A 478 -20.75 18.51 -13.38
N LEU A 479 -19.50 18.13 -13.13
CA LEU A 479 -18.85 17.08 -13.90
C LEU A 479 -19.47 15.74 -13.59
N ILE A 480 -19.67 15.44 -12.31
CA ILE A 480 -20.28 14.16 -11.97
C ILE A 480 -21.76 14.17 -12.37
N ASN A 481 -22.39 15.34 -12.20
CA ASN A 481 -23.78 15.51 -12.62
C ASN A 481 -23.93 15.14 -14.08
N ARG A 482 -23.03 15.65 -14.90
CA ARG A 482 -23.06 15.35 -16.32
C ARG A 482 -22.55 13.95 -16.67
N PHE A 483 -21.79 13.34 -15.77
CA PHE A 483 -21.32 11.98 -15.99
C PHE A 483 -22.53 11.08 -15.82
N ASN A 484 -23.49 11.57 -15.04
CA ASN A 484 -24.77 10.90 -14.88
C ASN A 484 -25.52 10.91 -16.22
N ASN A 485 -24.91 11.56 -17.21
CA ASN A 485 -25.41 11.68 -18.58
C ASN A 485 -26.67 12.55 -18.52
N GLU A 486 -27.82 12.05 -18.94
CA GLU A 486 -28.98 12.87 -19.33
C GLU A 486 -28.48 14.01 -20.22
N ASP A 487 -28.87 15.25 -19.97
CA ASP A 487 -28.18 16.37 -20.60
C ASP A 487 -27.78 17.41 -19.56
N VAL A 488 -28.77 18.01 -18.91
CA VAL A 488 -28.51 18.86 -17.74
C VAL A 488 -27.59 20.08 -17.97
N CYS A 489 -28.16 21.14 -18.52
CA CYS A 489 -27.46 22.41 -18.35
C CYS A 489 -28.16 23.04 -17.16
N THR A 490 -27.48 22.95 -16.02
CA THR A 490 -27.95 23.49 -14.75
C THR A 490 -26.79 24.07 -13.94
N CYS A 491 -26.97 25.28 -13.42
CA CYS A 491 -25.94 25.92 -12.62
C CYS A 491 -26.42 26.34 -11.23
N PRO A 492 -26.74 25.36 -10.37
CA PRO A 492 -27.09 25.71 -8.99
C PRO A 492 -25.89 26.26 -8.24
N GLN A 493 -26.12 27.11 -7.24
CA GLN A 493 -25.03 27.73 -6.50
C GLN A 493 -25.02 27.37 -5.02
N ALA A 494 -23.81 27.26 -4.48
CA ALA A 494 -23.57 27.06 -3.05
C ALA A 494 -24.27 25.81 -2.57
N SER A 495 -24.87 25.88 -1.40
CA SER A 495 -25.49 24.70 -0.81
C SER A 495 -24.47 23.57 -0.82
N VAL A 496 -23.22 23.89 -0.46
CA VAL A 496 -22.13 22.93 -0.50
C VAL A 496 -22.43 21.67 0.31
N SER A 497 -22.84 21.88 1.56
CA SER A 497 -23.36 20.82 2.40
C SER A 497 -24.56 20.15 1.75
N GLN A 498 -25.33 20.92 1.01
CA GLN A 498 -26.56 20.40 0.41
C GLN A 498 -26.24 19.71 -0.91
N GLN A 499 -25.08 19.99 -1.48
CA GLN A 499 -24.71 19.32 -2.72
C GLN A 499 -24.08 18.00 -2.34
N PHE A 500 -23.24 18.01 -1.31
CA PHE A 500 -22.53 16.80 -0.91
C PHE A 500 -23.50 15.74 -0.41
N THR A 501 -24.49 16.15 0.36
CA THR A 501 -25.54 15.24 0.81
C THR A 501 -26.39 14.71 -0.34
N SER A 502 -26.40 15.43 -1.46
CA SER A 502 -27.24 15.06 -2.59
C SER A 502 -26.50 14.19 -3.60
N VAL A 503 -25.22 13.94 -3.37
CA VAL A 503 -24.44 13.13 -4.30
C VAL A 503 -24.55 11.64 -4.02
N PRO A 504 -25.02 10.87 -5.01
CA PRO A 504 -24.98 9.42 -4.78
C PRO A 504 -23.53 8.96 -4.81
N TRP A 505 -23.08 8.25 -3.79
CA TRP A 505 -21.67 7.88 -3.73
C TRP A 505 -21.38 6.53 -4.36
N ASN A 506 -20.61 6.58 -5.44
CA ASN A 506 -20.14 5.40 -6.13
C ASN A 506 -18.65 5.56 -6.38
N SER A 507 -18.00 4.49 -6.79
CA SER A 507 -16.54 4.50 -6.97
C SER A 507 -16.07 5.69 -7.80
N PHE A 508 -16.80 6.01 -8.85
CA PHE A 508 -16.41 7.09 -9.73
C PHE A 508 -16.43 8.44 -9.03
N ASN A 509 -17.52 8.75 -8.34
CA ASN A 509 -17.63 10.04 -7.64
C ASN A 509 -16.55 10.20 -6.58
N ARG A 510 -16.31 9.15 -5.81
CA ARG A 510 -15.27 9.17 -4.78
C ARG A 510 -13.90 9.40 -5.40
N ASP A 511 -13.55 8.58 -6.38
CA ASP A 511 -12.24 8.64 -7.01
C ASP A 511 -12.01 9.99 -7.67
N VAL A 512 -13.04 10.56 -8.27
CA VAL A 512 -12.94 11.86 -8.93
C VAL A 512 -12.82 12.97 -7.88
N LEU A 513 -13.46 12.81 -6.73
CA LEU A 513 -13.30 13.77 -5.64
C LEU A 513 -11.86 13.77 -5.14
N LYS A 514 -11.33 12.56 -4.89
CA LYS A 514 -9.97 12.38 -4.43
C LYS A 514 -8.98 12.98 -5.43
N ALA A 515 -9.27 12.75 -6.71
CA ALA A 515 -8.48 13.30 -7.81
C ALA A 515 -8.51 14.82 -7.77
N LEU A 516 -9.69 15.38 -7.50
CA LEU A 516 -9.86 16.82 -7.42
C LEU A 516 -8.99 17.40 -6.31
N TYR A 517 -9.03 16.76 -5.15
CA TYR A 517 -8.19 17.19 -4.04
C TYR A 517 -6.70 17.06 -4.35
N SER A 518 -6.34 16.04 -5.12
CA SER A 518 -4.93 15.84 -5.46
C SER A 518 -4.46 16.71 -6.62
N PHE A 519 -5.39 17.36 -7.31
CA PHE A 519 -5.04 18.19 -8.46
C PHE A 519 -5.29 19.69 -8.26
N ALA A 520 -6.56 20.03 -8.05
CA ALA A 520 -7.03 21.42 -8.11
C ALA A 520 -6.28 22.40 -7.22
N PRO A 521 -6.14 23.66 -7.70
CA PRO A 521 -5.51 24.76 -6.96
C PRO A 521 -6.23 25.07 -5.66
N ILE A 522 -5.53 25.71 -4.74
CA ILE A 522 -6.09 25.96 -3.42
C ILE A 522 -6.31 27.43 -3.12
N SER A 523 -7.38 27.72 -2.38
CA SER A 523 -7.52 29.00 -1.73
C SER A 523 -6.71 28.93 -0.45
N MET A 524 -5.75 29.84 -0.35
CA MET A 524 -4.79 29.85 0.74
C MET A 524 -5.18 30.88 1.79
N HIS A 525 -5.16 30.48 3.05
CA HIS A 525 -5.35 31.43 4.13
C HIS A 525 -4.07 31.62 4.92
N CYS A 526 -3.47 32.79 4.71
CA CYS A 526 -2.40 33.29 5.53
C CYS A 526 -2.96 34.45 6.33
N ASN A 527 -3.14 34.27 7.65
CA ASN A 527 -3.81 35.30 8.43
C ASN A 527 -2.90 35.72 9.58
N LYS A 528 -3.08 36.95 10.06
CA LYS A 528 -2.31 37.43 11.20
C LYS A 528 -3.02 37.26 12.53
N SER A 529 -2.31 37.59 13.61
CA SER A 529 -2.88 37.62 14.95
C SER A 529 -4.04 38.61 15.04
N SER A 530 -4.13 39.47 14.04
CA SER A 530 -5.05 40.61 14.04
C SER A 530 -6.35 40.17 13.40
N ALA A 531 -6.37 38.92 12.92
CA ALA A 531 -7.50 38.33 12.19
C ALA A 531 -7.72 39.07 10.89
N VAL A 532 -6.61 39.25 10.17
CA VAL A 532 -6.57 39.88 8.85
C VAL A 532 -5.57 39.09 8.01
N ARG A 533 -5.76 39.05 6.70
CA ARG A 533 -4.81 38.37 5.83
C ARG A 533 -3.52 39.15 5.61
N PHE A 534 -2.51 38.43 5.13
CA PHE A 534 -1.28 39.02 4.64
C PHE A 534 -1.55 39.47 3.22
N GLN A 535 -1.28 40.73 2.91
CA GLN A 535 -1.60 41.22 1.59
C GLN A 535 -0.89 40.44 0.49
N GLY A 536 -1.63 40.19 -0.56
CA GLY A 536 -1.19 39.44 -1.72
C GLY A 536 -2.49 38.84 -2.21
N GLU A 537 -2.45 38.05 -3.27
CA GLU A 537 -3.68 37.38 -3.68
C GLU A 537 -3.50 35.89 -3.38
N TRP A 538 -4.21 35.42 -2.37
CA TRP A 538 -3.99 34.06 -1.88
C TRP A 538 -4.96 33.02 -2.46
N ASN A 539 -5.90 33.46 -3.28
CA ASN A 539 -6.81 32.55 -3.97
C ASN A 539 -6.15 31.88 -5.16
N LEU A 540 -6.57 30.66 -5.45
CA LEU A 540 -6.17 29.94 -6.67
C LEU A 540 -4.66 29.72 -6.74
N GLN A 541 -4.05 29.47 -5.59
CA GLN A 541 -2.63 29.18 -5.51
C GLN A 541 -2.33 27.81 -6.10
N PRO A 542 -1.17 27.66 -6.75
CA PRO A 542 -0.81 26.35 -7.30
C PRO A 542 -0.63 25.33 -6.18
N LEU A 543 -1.17 24.13 -6.38
CA LEU A 543 -1.08 23.10 -5.37
C LEU A 543 0.35 22.66 -5.18
N PRO A 544 0.84 22.72 -3.93
CA PRO A 544 2.19 22.24 -3.65
C PRO A 544 2.28 20.77 -3.98
N LYS A 545 3.34 20.35 -4.65
CA LYS A 545 3.48 18.93 -4.92
C LYS A 545 4.89 18.44 -4.69
N VAL A 546 4.97 17.17 -4.36
CA VAL A 546 6.21 16.57 -3.90
C VAL A 546 6.73 15.61 -4.97
N ILE A 547 7.93 15.93 -5.47
CA ILE A 547 8.62 15.15 -6.49
C ILE A 547 9.10 13.87 -5.82
N SER A 548 8.82 13.82 -4.51
CA SER A 548 9.48 13.03 -3.48
C SER A 548 8.65 12.24 -2.47
N THR A 549 9.36 11.36 -1.77
CA THR A 549 8.99 10.90 -0.43
C THR A 549 10.26 10.63 0.39
N LEU A 550 10.13 10.68 1.71
CA LEU A 550 11.20 10.25 2.63
C LEU A 550 11.02 8.80 3.02
N GLU A 551 12.13 8.09 3.17
CA GLU A 551 12.11 6.65 3.38
C GLU A 551 12.41 6.30 4.83
N GLU A 552 11.55 5.48 5.45
CA GLU A 552 11.85 4.98 6.79
C GLU A 552 12.34 3.53 6.73
N PRO A 553 13.56 3.25 7.23
CA PRO A 553 14.05 1.86 7.29
C PRO A 553 13.50 1.07 8.46
N THR A 569 8.00 -20.79 24.51
CA THR A 569 8.17 -21.28 25.87
C THR A 569 7.35 -20.47 26.86
N VAL A 570 6.90 -21.13 27.91
CA VAL A 570 6.05 -20.50 28.93
C VAL A 570 6.67 -20.51 30.32
N VAL A 571 7.01 -19.33 30.82
CA VAL A 571 7.71 -19.21 32.09
C VAL A 571 6.74 -19.44 33.26
N SER A 572 7.27 -19.49 34.47
CA SER A 572 6.44 -19.61 35.67
C SER A 572 6.92 -18.68 36.77
N PRO B 7 20.48 -36.21 -7.41
CA PRO B 7 19.86 -35.73 -8.65
C PRO B 7 18.94 -34.53 -8.41
N LEU B 8 19.25 -33.39 -9.02
CA LEU B 8 18.36 -32.24 -8.93
C LEU B 8 17.53 -32.07 -10.20
N PRO B 9 16.20 -32.03 -10.03
CA PRO B 9 15.23 -32.11 -11.13
C PRO B 9 15.24 -30.94 -12.11
N TYR B 10 15.43 -29.71 -11.64
CA TYR B 10 15.32 -28.59 -12.56
C TYR B 10 16.68 -28.02 -12.92
N HIS B 11 16.84 -27.52 -14.15
CA HIS B 11 18.12 -26.93 -14.53
C HIS B 11 18.00 -25.85 -15.62
N ILE B 12 18.89 -24.85 -15.53
CA ILE B 12 19.01 -23.79 -16.51
C ILE B 12 20.46 -23.39 -16.72
N PRO B 13 20.79 -22.89 -17.92
CA PRO B 13 22.05 -22.17 -18.11
C PRO B 13 21.92 -20.75 -17.56
N LEU B 14 23.02 -20.16 -17.12
CA LEU B 14 23.00 -18.77 -16.67
C LEU B 14 23.67 -17.89 -17.69
N ASP B 15 24.99 -18.00 -17.75
CA ASP B 15 25.79 -17.26 -18.72
C ASP B 15 25.72 -17.92 -20.09
N PRO B 16 25.84 -17.12 -21.15
CA PRO B 16 25.85 -17.61 -22.54
C PRO B 16 27.02 -18.55 -22.82
N GLU B 17 28.17 -18.28 -22.21
CA GLU B 17 29.35 -19.10 -22.42
C GLU B 17 29.15 -20.51 -21.90
N GLY B 18 28.26 -20.63 -20.93
CA GLY B 18 27.93 -21.93 -20.35
C GLY B 18 28.96 -22.42 -19.35
N SER B 19 29.75 -21.53 -18.79
CA SER B 19 30.69 -21.91 -17.75
C SER B 19 29.97 -22.02 -16.42
N LEU B 20 28.74 -21.51 -16.38
CA LEU B 20 27.93 -21.55 -15.17
C LEU B 20 26.59 -22.21 -15.45
N GLU B 21 26.26 -23.25 -14.69
CA GLU B 21 25.00 -23.95 -14.87
C GLU B 21 24.30 -24.16 -13.53
N LEU B 22 23.01 -23.83 -13.46
CA LEU B 22 22.27 -23.94 -12.21
C LEU B 22 21.24 -25.05 -12.22
N SER B 23 21.23 -25.87 -11.18
CA SER B 23 20.18 -26.87 -11.03
C SER B 23 19.50 -26.71 -9.67
N TRP B 24 18.21 -26.99 -9.58
CA TRP B 24 17.53 -26.82 -8.32
C TRP B 24 16.39 -27.80 -8.02
N ASN B 25 16.08 -27.78 -6.72
CA ASN B 25 15.17 -28.65 -5.99
C ASN B 25 14.20 -27.82 -5.14
N VAL B 26 12.93 -28.22 -5.06
CA VAL B 26 11.95 -27.45 -4.28
C VAL B 26 11.31 -28.23 -3.12
N SER B 27 11.19 -27.62 -1.95
CA SER B 27 10.46 -28.25 -0.84
C SER B 27 9.39 -27.33 -0.25
N TYR B 28 8.13 -27.73 -0.35
CA TYR B 28 7.03 -26.87 0.10
C TYR B 28 6.62 -27.08 1.55
N THR B 29 7.08 -28.18 2.14
CA THR B 29 6.88 -28.45 3.56
C THR B 29 7.86 -27.63 4.38
N GLN B 30 9.10 -27.69 3.93
CA GLN B 30 10.22 -26.95 4.45
C GLN B 30 10.21 -25.48 3.98
N GLU B 31 9.40 -25.21 2.96
CA GLU B 31 9.27 -23.88 2.36
C GLU B 31 10.61 -23.29 1.93
N ALA B 32 11.35 -24.05 1.14
CA ALA B 32 12.68 -23.63 0.71
C ALA B 32 13.10 -24.16 -0.66
N ILE B 33 14.06 -23.46 -1.25
CA ILE B 33 14.67 -23.84 -2.52
C ILE B 33 16.10 -24.32 -2.25
N HIS B 34 16.46 -25.41 -2.92
CA HIS B 34 17.82 -25.92 -2.89
C HIS B 34 18.49 -25.64 -4.23
N PHE B 35 19.50 -24.78 -4.19
CA PHE B 35 20.31 -24.44 -5.35
C PHE B 35 21.58 -25.26 -5.40
N GLN B 36 21.96 -25.67 -6.61
CA GLN B 36 23.28 -26.20 -6.87
C GLN B 36 23.88 -25.44 -8.04
N LEU B 37 25.00 -24.78 -7.79
CA LEU B 37 25.67 -23.99 -8.79
C LEU B 37 26.90 -24.74 -9.29
N LEU B 38 26.97 -24.92 -10.60
CA LEU B 38 28.09 -25.59 -11.22
C LEU B 38 28.95 -24.58 -11.98
N VAL B 39 30.21 -24.49 -11.57
CA VAL B 39 31.17 -23.64 -12.26
C VAL B 39 32.16 -24.51 -13.03
N ARG B 40 32.03 -24.50 -14.35
CA ARG B 40 32.89 -25.31 -15.21
C ARG B 40 34.25 -24.67 -15.31
N ARG B 41 34.25 -23.36 -15.52
CA ARG B 41 35.48 -22.59 -15.57
C ARG B 41 35.45 -21.59 -14.43
N LEU B 42 36.38 -21.75 -13.50
CA LEU B 42 36.42 -20.88 -12.34
C LEU B 42 37.52 -19.84 -12.48
N LYS B 43 37.10 -18.60 -12.64
CA LYS B 43 37.98 -17.45 -12.67
C LYS B 43 38.03 -16.90 -11.27
N ALA B 44 38.55 -15.69 -11.11
CA ALA B 44 38.72 -15.10 -9.78
C ALA B 44 37.49 -15.24 -8.91
N GLY B 45 36.32 -14.88 -9.42
CA GLY B 45 35.11 -15.03 -8.63
C GLY B 45 33.84 -15.32 -9.38
N VAL B 46 32.79 -15.66 -8.64
CA VAL B 46 31.46 -15.90 -9.20
C VAL B 46 30.41 -15.35 -8.25
N LEU B 47 29.42 -14.64 -8.76
CA LEU B 47 28.33 -14.18 -7.92
C LEU B 47 26.99 -14.61 -8.51
N PHE B 48 26.02 -14.88 -7.65
CA PHE B 48 24.72 -15.34 -8.10
C PHE B 48 23.64 -14.83 -7.16
N GLY B 49 22.43 -14.62 -7.67
CA GLY B 49 21.37 -14.13 -6.82
C GLY B 49 20.09 -13.81 -7.57
N MET B 50 19.23 -13.00 -6.98
CA MET B 50 17.98 -12.64 -7.64
C MET B 50 17.59 -11.19 -7.37
N SER B 51 16.86 -10.61 -8.31
CA SER B 51 16.41 -9.22 -8.17
C SER B 51 15.09 -9.07 -8.90
N ASP B 52 14.39 -7.97 -8.63
CA ASP B 52 13.04 -7.77 -9.17
C ASP B 52 12.99 -7.93 -10.69
N ARG B 53 13.56 -6.98 -11.42
CA ARG B 53 13.58 -7.08 -12.88
C ARG B 53 14.87 -7.62 -13.49
N GLY B 54 15.84 -7.98 -12.65
CA GLY B 54 17.07 -8.57 -13.15
C GLY B 54 18.26 -7.64 -13.19
N GLU B 55 18.10 -6.44 -12.65
CA GLU B 55 19.19 -5.48 -12.57
C GLU B 55 20.14 -5.86 -11.42
N LEU B 56 21.38 -5.39 -11.49
CA LEU B 56 22.34 -5.64 -10.42
C LEU B 56 22.00 -4.85 -9.16
N GLU B 57 21.31 -3.72 -9.34
CA GLU B 57 20.92 -2.88 -8.22
C GLU B 57 19.86 -3.55 -7.35
N ASN B 58 19.95 -3.34 -6.04
CA ASN B 58 18.98 -3.88 -5.08
C ASN B 58 18.77 -5.39 -5.21
N ALA B 59 19.86 -6.15 -5.18
CA ALA B 59 19.81 -7.58 -5.44
C ALA B 59 20.13 -8.41 -4.20
N ASP B 60 19.55 -9.61 -4.15
CA ASP B 60 19.80 -10.55 -3.06
C ASP B 60 20.81 -11.60 -3.54
N LEU B 61 21.99 -11.59 -2.95
CA LEU B 61 23.14 -12.24 -3.55
C LEU B 61 23.93 -13.21 -2.67
N VAL B 62 24.76 -14.00 -3.35
CA VAL B 62 25.79 -14.84 -2.76
C VAL B 62 27.03 -14.74 -3.65
N VAL B 63 28.21 -14.71 -3.02
CA VAL B 63 29.44 -14.55 -3.76
C VAL B 63 30.47 -15.57 -3.31
N LEU B 64 31.27 -16.03 -4.27
CA LEU B 64 32.44 -16.87 -4.03
C LEU B 64 33.64 -16.25 -4.72
N ALA B 71 38.07 -22.26 -0.12
CA ALA B 71 36.65 -22.20 -0.45
C ALA B 71 35.88 -21.29 0.50
N TYR B 72 35.58 -20.08 0.05
CA TYR B 72 34.89 -19.12 0.91
C TYR B 72 33.60 -18.65 0.22
N PHE B 73 32.55 -18.57 1.02
CA PHE B 73 31.21 -18.30 0.50
C PHE B 73 30.54 -17.24 1.36
N ALA B 74 29.92 -16.23 0.75
CA ALA B 74 29.31 -15.19 1.58
C ALA B 74 28.00 -14.67 1.02
N ASP B 75 27.09 -14.35 1.93
CA ASP B 75 25.83 -13.74 1.54
C ASP B 75 25.99 -12.24 1.40
N ALA B 76 25.43 -11.68 0.34
CA ALA B 76 25.61 -10.26 0.06
C ALA B 76 24.31 -9.64 -0.44
N TRP B 77 24.30 -8.31 -0.49
CA TRP B 77 23.20 -7.58 -1.09
C TRP B 77 23.75 -6.35 -1.78
N SER B 78 23.02 -5.79 -2.72
CA SER B 78 23.51 -4.63 -3.45
C SER B 78 22.62 -3.41 -3.23
N ASP B 79 23.25 -2.24 -3.19
CA ASP B 79 22.55 -0.99 -2.92
C ASP B 79 21.96 -0.38 -4.20
N GLN B 80 21.47 0.84 -4.10
CA GLN B 80 20.76 1.49 -5.20
C GLN B 80 21.65 1.76 -6.41
N LYS B 81 22.94 1.90 -6.19
CA LYS B 81 23.90 2.08 -7.29
C LYS B 81 24.55 0.77 -7.74
N GLY B 82 24.24 -0.31 -7.05
CA GLY B 82 24.70 -1.63 -7.46
C GLY B 82 25.99 -2.10 -6.82
N GLN B 83 26.48 -1.35 -5.84
CA GLN B 83 27.68 -1.74 -5.11
C GLN B 83 27.36 -2.89 -4.14
N ILE B 84 28.28 -3.83 -4.01
CA ILE B 84 28.01 -5.05 -3.23
C ILE B 84 28.47 -4.93 -1.79
N HIS B 85 27.58 -5.25 -0.86
CA HIS B 85 27.86 -5.20 0.56
C HIS B 85 27.56 -6.54 1.22
N LEU B 86 28.27 -6.85 2.30
CA LEU B 86 28.08 -8.11 2.99
C LEU B 86 26.72 -8.14 3.69
N ASP B 87 26.18 -9.34 3.87
CA ASP B 87 24.85 -9.47 4.46
C ASP B 87 24.99 -10.01 5.88
N PRO B 88 24.72 -9.17 6.89
CA PRO B 88 24.83 -9.58 8.29
C PRO B 88 23.83 -10.68 8.63
N GLN B 89 22.61 -10.50 8.16
CA GLN B 89 21.63 -11.57 8.17
C GLN B 89 22.02 -12.49 7.03
N GLN B 90 21.60 -13.75 7.05
CA GLN B 90 21.69 -14.53 5.82
C GLN B 90 20.48 -15.40 5.53
N ASP B 91 19.93 -15.15 4.35
CA ASP B 91 18.83 -15.90 3.78
C ASP B 91 19.32 -17.20 3.14
N TYR B 92 20.46 -17.11 2.43
CA TYR B 92 21.09 -18.28 1.84
C TYR B 92 21.93 -19.04 2.85
N GLN B 93 21.78 -20.37 2.83
CA GLN B 93 22.55 -21.24 3.72
C GLN B 93 23.42 -22.21 2.94
N LEU B 94 24.73 -22.08 3.07
CA LEU B 94 25.66 -22.95 2.37
C LEU B 94 25.66 -24.34 2.97
N LEU B 95 25.56 -25.36 2.13
CA LEU B 95 25.54 -26.74 2.61
C LEU B 95 26.82 -27.46 2.25
N GLN B 96 27.07 -27.62 0.96
CA GLN B 96 28.24 -28.38 0.53
C GLN B 96 28.99 -27.69 -0.62
N VAL B 97 30.31 -27.86 -0.64
CA VAL B 97 31.13 -27.41 -1.74
C VAL B 97 32.02 -28.57 -2.16
N GLN B 98 31.85 -29.02 -3.39
CA GLN B 98 32.52 -30.23 -3.82
C GLN B 98 33.07 -30.12 -5.24
N ARG B 99 34.23 -30.74 -5.46
CA ARG B 99 34.90 -30.67 -6.76
C ARG B 99 34.63 -31.93 -7.57
N THR B 100 34.19 -31.76 -8.81
CA THR B 100 33.80 -32.90 -9.64
C THR B 100 34.47 -32.77 -11.01
N PRO B 101 34.32 -33.78 -11.89
CA PRO B 101 34.83 -33.61 -13.26
C PRO B 101 34.20 -32.46 -14.03
N GLU B 102 32.91 -32.21 -13.80
CA GLU B 102 32.19 -31.15 -14.50
C GLU B 102 32.66 -29.77 -14.08
N GLY B 103 33.10 -29.64 -12.84
CA GLY B 103 33.52 -28.35 -12.32
C GLY B 103 33.40 -28.28 -10.80
N LEU B 104 33.29 -27.07 -10.28
CA LEU B 104 33.08 -26.89 -8.85
C LEU B 104 31.60 -26.70 -8.55
N THR B 105 31.06 -27.51 -7.66
CA THR B 105 29.64 -27.48 -7.35
C THR B 105 29.34 -26.99 -5.95
N LEU B 106 28.38 -26.09 -5.84
CA LEU B 106 27.94 -25.56 -4.55
C LEU B 106 26.47 -25.82 -4.29
N LEU B 107 26.18 -26.60 -3.25
CA LEU B 107 24.80 -26.83 -2.83
C LEU B 107 24.49 -25.93 -1.64
N PHE B 108 23.51 -25.05 -1.82
CA PHE B 108 23.07 -24.13 -0.77
C PHE B 108 21.55 -23.94 -0.78
N LYS B 109 21.02 -23.40 0.31
CA LYS B 109 19.59 -23.37 0.57
C LYS B 109 19.08 -21.95 0.82
N ARG B 110 17.90 -21.61 0.31
CA ARG B 110 17.28 -20.36 0.75
C ARG B 110 15.77 -20.55 0.97
N PRO B 111 15.22 -19.93 2.01
CA PRO B 111 13.76 -19.94 2.18
C PRO B 111 13.05 -19.12 1.12
N PHE B 112 11.76 -19.37 0.94
CA PHE B 112 10.95 -18.62 -0.02
C PHE B 112 10.97 -17.14 0.33
N GLY B 113 10.88 -16.87 1.62
CA GLY B 113 10.90 -15.51 2.13
C GLY B 113 11.46 -15.44 3.53
N THR B 114 11.90 -14.25 3.92
CA THR B 114 12.48 -14.03 5.24
C THR B 114 11.69 -12.95 5.95
N CYS B 115 11.84 -12.86 7.27
CA CYS B 115 11.17 -11.81 8.03
C CYS B 115 11.82 -10.46 7.76
N ASP B 116 12.98 -10.48 7.12
CA ASP B 116 13.61 -9.26 6.64
C ASP B 116 12.90 -8.79 5.37
N PRO B 117 12.26 -7.62 5.43
CA PRO B 117 11.53 -7.08 4.27
C PRO B 117 12.46 -6.66 3.13
N LYS B 118 13.72 -6.39 3.46
CA LYS B 118 14.70 -5.97 2.45
C LYS B 118 14.92 -7.07 1.42
N ASP B 119 14.91 -8.32 1.88
CA ASP B 119 15.24 -9.45 1.04
C ASP B 119 14.18 -9.73 -0.01
N TYR B 120 14.59 -10.41 -1.08
CA TYR B 120 13.69 -10.83 -2.15
C TYR B 120 12.68 -11.85 -1.67
N LEU B 121 11.48 -11.80 -2.24
CA LEU B 121 10.45 -12.78 -1.91
C LEU B 121 10.17 -13.72 -3.08
N ILE B 122 10.44 -15.00 -2.89
CA ILE B 122 10.16 -15.98 -3.93
C ILE B 122 8.68 -16.35 -3.90
N GLU B 123 8.04 -16.31 -5.05
CA GLU B 123 6.63 -16.64 -5.13
C GLU B 123 6.29 -17.19 -6.50
N ASP B 124 5.00 -17.41 -6.74
CA ASP B 124 4.55 -17.94 -8.01
C ASP B 124 4.96 -17.03 -9.16
N GLY B 125 5.23 -17.61 -10.31
CA GLY B 125 5.59 -16.83 -11.48
C GLY B 125 7.07 -16.67 -11.72
N THR B 126 7.41 -15.67 -12.52
CA THR B 126 8.78 -15.44 -12.94
C THR B 126 9.66 -14.92 -11.80
N VAL B 127 10.89 -15.39 -11.79
CA VAL B 127 11.95 -14.88 -10.94
C VAL B 127 13.12 -14.49 -11.84
N HIS B 128 13.64 -13.29 -11.60
CA HIS B 128 14.81 -12.80 -12.30
C HIS B 128 16.07 -13.10 -11.51
N LEU B 129 16.90 -13.98 -12.08
CA LEU B 129 18.17 -14.34 -11.48
C LEU B 129 19.26 -13.47 -12.06
N VAL B 130 20.17 -13.02 -11.21
CA VAL B 130 21.33 -12.27 -11.67
C VAL B 130 22.60 -13.07 -11.42
N TYR B 131 23.47 -13.09 -12.41
CA TYR B 131 24.75 -13.76 -12.28
C TYR B 131 25.89 -12.86 -12.68
N GLY B 132 27.08 -13.16 -12.17
CA GLY B 132 28.27 -12.49 -12.63
C GLY B 132 29.53 -13.31 -12.48
N ILE B 133 30.50 -13.01 -13.34
CA ILE B 133 31.81 -13.64 -13.28
C ILE B 133 32.86 -12.58 -13.03
N LEU B 134 33.59 -12.72 -11.92
CA LEU B 134 34.62 -11.76 -11.55
C LEU B 134 35.97 -12.13 -12.12
N GLU B 135 36.48 -11.27 -13.02
CA GLU B 135 37.78 -11.45 -13.66
C GLU B 135 38.90 -11.17 -12.67
N GLU B 136 38.69 -10.15 -11.85
CA GLU B 136 39.74 -9.57 -11.03
C GLU B 136 39.63 -10.07 -9.59
N PRO B 137 40.75 -10.52 -9.02
CA PRO B 137 40.74 -10.91 -7.61
C PRO B 137 40.38 -9.70 -6.75
N PHE B 138 39.42 -9.87 -5.85
CA PHE B 138 38.99 -8.76 -5.01
C PHE B 138 39.10 -9.15 -3.55
N ARG B 139 39.49 -8.19 -2.72
CA ARG B 139 39.66 -8.45 -1.29
C ARG B 139 38.48 -8.00 -0.45
N SER B 140 37.48 -7.40 -1.08
CA SER B 140 36.25 -7.06 -0.38
C SER B 140 35.09 -7.28 -1.31
N LEU B 141 33.89 -6.95 -0.84
CA LEU B 141 32.72 -6.89 -1.73
C LEU B 141 32.63 -5.55 -2.44
N GLU B 142 32.89 -4.47 -1.71
CA GLU B 142 32.66 -3.13 -2.21
C GLU B 142 33.70 -2.77 -3.26
N ALA B 143 34.78 -3.54 -3.30
CA ALA B 143 35.82 -3.36 -4.30
C ALA B 143 35.33 -3.72 -5.70
N ILE B 144 34.33 -4.61 -5.75
CA ILE B 144 33.82 -5.10 -7.03
C ILE B 144 33.32 -3.98 -7.93
N ASN B 145 33.80 -4.00 -9.17
CA ASN B 145 33.70 -2.88 -10.10
C ASN B 145 33.08 -3.38 -11.41
N GLY B 146 32.62 -2.46 -12.24
CA GLY B 146 32.16 -2.79 -13.58
C GLY B 146 33.31 -3.47 -14.32
N SER B 147 34.51 -2.93 -14.12
CA SER B 147 35.73 -3.59 -14.55
C SER B 147 35.87 -4.97 -13.93
N GLY B 148 36.16 -5.97 -14.76
CA GLY B 148 36.40 -7.31 -14.27
C GLY B 148 35.13 -7.97 -13.81
N LEU B 149 34.01 -7.52 -14.35
CA LEU B 149 32.71 -8.08 -13.98
C LEU B 149 31.86 -8.40 -15.19
N GLN B 150 31.53 -9.68 -15.33
CA GLN B 150 30.73 -10.15 -16.44
C GLN B 150 29.32 -10.35 -15.94
N MET B 151 28.39 -9.49 -16.37
CA MET B 151 27.08 -9.42 -15.71
C MET B 151 25.95 -9.90 -16.60
N GLY B 152 25.04 -10.68 -16.02
CA GLY B 152 23.89 -11.14 -16.79
C GLY B 152 22.66 -11.48 -15.97
N LEU B 153 21.56 -11.70 -16.67
CA LEU B 153 20.31 -12.14 -16.03
C LEU B 153 19.75 -13.37 -16.71
N GLN B 154 18.96 -14.13 -15.97
CA GLN B 154 18.22 -15.26 -16.52
C GLN B 154 16.84 -15.30 -15.89
N ARG B 155 15.80 -15.42 -16.70
CA ARG B 155 14.45 -15.46 -16.19
C ARG B 155 13.99 -16.91 -16.07
N VAL B 156 13.38 -17.26 -14.96
CA VAL B 156 12.97 -18.66 -14.75
C VAL B 156 11.81 -18.76 -13.78
N GLN B 157 11.13 -19.91 -13.73
CA GLN B 157 10.13 -20.09 -12.70
C GLN B 157 10.72 -20.92 -11.57
N LEU B 158 10.96 -20.27 -10.42
CA LEU B 158 11.62 -20.95 -9.31
C LEU B 158 10.70 -21.92 -8.61
N LEU B 159 9.47 -21.51 -8.33
CA LEU B 159 8.56 -22.43 -7.70
C LEU B 159 7.77 -23.11 -8.80
N LYS B 160 8.10 -24.36 -9.04
CA LYS B 160 7.34 -25.16 -9.98
C LYS B 160 6.31 -25.92 -9.17
N PRO B 161 5.21 -26.33 -9.82
CA PRO B 161 4.30 -27.19 -9.05
C PRO B 161 4.98 -28.52 -8.80
N ASN B 162 4.68 -29.21 -7.69
CA ASN B 162 5.29 -30.51 -7.58
C ASN B 162 4.30 -31.47 -8.18
N ILE B 163 4.66 -31.95 -9.36
CA ILE B 163 3.85 -32.91 -10.08
C ILE B 163 4.61 -34.20 -10.32
N PRO B 164 4.09 -35.31 -9.80
CA PRO B 164 4.71 -36.57 -10.14
C PRO B 164 4.38 -36.91 -11.59
N GLU B 165 5.35 -37.46 -12.32
CA GLU B 165 5.09 -37.93 -13.67
C GLU B 165 4.11 -39.09 -13.60
N PRO B 166 2.93 -38.91 -14.21
CA PRO B 166 1.90 -39.94 -14.27
C PRO B 166 2.38 -41.18 -14.98
N GLU B 167 1.73 -42.32 -14.72
CA GLU B 167 2.04 -43.53 -15.43
C GLU B 167 1.62 -43.31 -16.88
N LEU B 168 2.12 -44.13 -17.79
CA LEU B 168 1.81 -43.97 -19.19
C LEU B 168 0.90 -45.11 -19.59
N PRO B 169 0.00 -44.87 -20.55
CA PRO B 169 -1.01 -45.84 -20.96
C PRO B 169 -0.44 -47.15 -21.50
N SER B 170 0.86 -47.15 -21.82
CA SER B 170 1.59 -48.29 -22.38
C SER B 170 1.23 -48.40 -23.86
N ASP B 171 0.14 -47.74 -24.20
CA ASP B 171 -0.29 -47.53 -25.57
C ASP B 171 0.54 -46.38 -26.10
N ALA B 172 0.98 -45.55 -25.16
CA ALA B 172 1.66 -44.30 -25.43
C ALA B 172 2.88 -44.46 -26.31
N CYS B 173 2.97 -43.61 -27.33
CA CYS B 173 4.12 -43.59 -28.21
C CYS B 173 4.67 -42.18 -28.28
N THR B 174 5.96 -42.09 -28.60
CA THR B 174 6.64 -40.82 -28.68
C THR B 174 6.91 -40.42 -30.11
N MET B 175 6.60 -39.17 -30.44
CA MET B 175 6.99 -38.63 -31.74
C MET B 175 7.90 -37.44 -31.51
N GLU B 176 9.07 -37.47 -32.14
CA GLU B 176 10.09 -36.47 -31.91
C GLU B 176 10.19 -35.47 -33.04
N VAL B 177 9.91 -34.20 -32.75
CA VAL B 177 10.06 -33.16 -33.74
C VAL B 177 11.34 -32.39 -33.47
N GLN B 178 12.33 -32.56 -34.33
CA GLN B 178 13.64 -31.94 -34.14
C GLN B 178 14.11 -31.23 -35.40
N ALA B 179 14.97 -30.23 -35.21
CA ALA B 179 15.66 -29.63 -36.34
C ALA B 179 16.47 -30.71 -37.06
N PRO B 180 16.49 -30.66 -38.39
CA PRO B 180 17.26 -31.63 -39.18
C PRO B 180 18.77 -31.43 -39.13
N ASN B 181 19.36 -31.48 -37.94
CA ASN B 181 20.80 -31.32 -37.77
C ASN B 181 21.31 -30.07 -38.48
N ILE B 182 20.78 -28.91 -38.13
CA ILE B 182 21.05 -27.73 -38.93
C ILE B 182 22.11 -26.85 -38.28
N GLN B 183 22.51 -25.82 -39.00
CA GLN B 183 23.57 -24.93 -38.54
C GLN B 183 22.99 -23.60 -38.16
N ILE B 184 23.29 -23.14 -36.95
CA ILE B 184 22.77 -21.87 -36.50
C ILE B 184 23.55 -20.74 -37.15
N PRO B 185 22.82 -19.82 -37.82
CA PRO B 185 23.39 -18.70 -38.57
C PRO B 185 24.14 -17.78 -37.62
N SER B 186 25.01 -16.91 -38.11
CA SER B 186 25.68 -16.06 -37.17
C SER B 186 24.77 -14.87 -37.08
N GLN B 187 24.04 -14.84 -35.98
CA GLN B 187 23.15 -13.77 -35.60
C GLN B 187 22.94 -14.01 -34.14
N GLU B 188 22.50 -12.97 -33.46
CA GLU B 188 22.18 -13.00 -32.04
C GLU B 188 20.88 -13.72 -31.79
N THR B 189 19.93 -13.42 -32.66
CA THR B 189 18.61 -13.94 -32.56
C THR B 189 18.27 -14.60 -33.87
N THR B 190 17.77 -15.82 -33.76
CA THR B 190 17.32 -16.55 -34.93
C THR B 190 16.04 -17.29 -34.60
N TYR B 191 15.04 -17.20 -35.46
CA TYR B 191 13.89 -18.08 -35.36
C TYR B 191 13.80 -19.00 -36.56
N TRP B 192 13.75 -20.29 -36.29
CA TRP B 192 13.97 -21.28 -37.32
C TRP B 192 12.72 -22.15 -37.47
N CYS B 193 12.11 -22.09 -38.64
CA CYS B 193 10.96 -22.93 -38.94
C CYS B 193 11.37 -24.18 -39.72
N TYR B 194 10.76 -25.30 -39.36
CA TYR B 194 11.00 -26.58 -40.00
C TYR B 194 9.68 -27.32 -40.12
N ILE B 195 9.46 -28.01 -41.22
CA ILE B 195 8.20 -28.69 -41.43
C ILE B 195 8.35 -30.20 -41.36
N LYS B 196 7.65 -30.82 -40.41
CA LYS B 196 7.71 -32.26 -40.23
C LYS B 196 6.32 -32.85 -40.47
N GLU B 197 6.24 -34.14 -40.80
CA GLU B 197 4.91 -34.74 -40.96
C GLU B 197 4.67 -36.18 -40.47
N LEU B 198 3.40 -36.41 -40.16
CA LEU B 198 2.79 -37.61 -39.63
C LEU B 198 2.49 -38.57 -40.78
N PRO B 199 2.33 -39.86 -40.50
CA PRO B 199 1.80 -40.74 -41.55
C PRO B 199 0.39 -40.36 -41.97
N LYS B 200 -0.02 -40.65 -43.20
CA LYS B 200 -1.38 -40.33 -43.64
C LYS B 200 -2.32 -41.28 -42.91
N GLY B 201 -3.64 -41.10 -43.07
CA GLY B 201 -4.56 -41.80 -42.20
C GLY B 201 -4.24 -41.20 -40.84
N PHE B 202 -3.86 -42.03 -39.87
CA PHE B 202 -3.54 -41.50 -38.54
C PHE B 202 -4.71 -40.75 -37.90
N SER B 203 -5.70 -41.49 -37.45
CA SER B 203 -6.87 -40.90 -36.81
C SER B 203 -6.51 -40.36 -35.43
N ARG B 204 -7.47 -39.73 -34.76
CA ARG B 204 -7.13 -38.87 -33.63
C ARG B 204 -6.62 -39.59 -32.39
N HIS B 205 -5.65 -38.92 -31.75
CA HIS B 205 -4.93 -39.36 -30.57
C HIS B 205 -4.95 -38.22 -29.58
N HIS B 206 -4.64 -38.53 -28.33
CA HIS B 206 -4.48 -37.53 -27.28
C HIS B 206 -3.01 -37.35 -26.92
N ILE B 207 -2.52 -36.11 -26.92
CA ILE B 207 -1.20 -35.86 -26.39
C ILE B 207 -1.38 -35.72 -24.91
N ILE B 208 -0.81 -36.65 -24.18
CA ILE B 208 -0.82 -36.59 -22.74
C ILE B 208 0.48 -36.08 -22.12
N LYS B 209 1.50 -35.86 -22.94
CA LYS B 209 2.77 -35.34 -22.40
C LYS B 209 3.63 -34.68 -23.48
N TYR B 210 4.53 -33.78 -23.08
CA TYR B 210 5.67 -33.46 -23.95
C TYR B 210 6.88 -32.96 -23.17
N GLU B 211 8.06 -33.15 -23.73
CA GLU B 211 9.29 -32.77 -23.05
C GLU B 211 10.32 -32.25 -24.06
N PRO B 212 11.25 -31.40 -23.61
CA PRO B 212 12.25 -30.84 -24.53
C PRO B 212 13.37 -31.81 -24.90
N ILE B 213 13.92 -31.62 -26.10
CA ILE B 213 15.13 -32.28 -26.53
C ILE B 213 16.14 -31.22 -26.94
N VAL B 214 17.26 -31.15 -26.23
CA VAL B 214 18.27 -30.16 -26.55
C VAL B 214 19.63 -30.80 -26.74
N THR B 215 20.28 -30.48 -27.85
CA THR B 215 21.59 -31.03 -28.16
C THR B 215 22.61 -30.56 -27.12
N LYS B 216 23.54 -31.43 -26.75
CA LYS B 216 24.48 -31.12 -25.68
C LYS B 216 25.47 -30.05 -26.14
N GLY B 217 25.57 -28.99 -25.35
CA GLY B 217 26.45 -27.89 -25.65
C GLY B 217 25.67 -26.70 -26.16
N ASN B 218 24.44 -26.95 -26.62
CA ASN B 218 23.59 -25.89 -27.17
C ASN B 218 22.59 -25.34 -26.15
N GLU B 219 22.67 -25.82 -24.92
CA GLU B 219 21.73 -25.45 -23.86
C GLU B 219 21.54 -23.94 -23.73
N ALA B 220 22.62 -23.19 -23.85
CA ALA B 220 22.55 -21.74 -23.74
C ALA B 220 21.93 -21.08 -24.97
N LEU B 221 22.02 -21.76 -26.11
CA LEU B 221 21.52 -21.21 -27.37
C LEU B 221 20.00 -21.33 -27.54
N VAL B 222 19.42 -22.38 -26.95
CA VAL B 222 18.00 -22.63 -27.09
C VAL B 222 17.22 -21.89 -26.01
N HIS B 223 16.35 -21.00 -26.44
CA HIS B 223 15.59 -20.12 -25.55
C HIS B 223 14.17 -20.64 -25.39
N HIS B 224 13.44 -20.76 -26.49
N HIS B 224 13.41 -20.67 -26.48
CA HIS B 224 12.12 -21.35 -26.44
CA HIS B 224 12.11 -21.33 -26.47
C HIS B 224 11.81 -22.11 -27.73
C HIS B 224 11.95 -22.24 -27.69
N MET B 225 10.97 -23.12 -27.62
CA MET B 225 10.62 -24.00 -28.74
C MET B 225 9.10 -24.20 -28.83
N GLU B 226 8.57 -24.25 -30.04
CA GLU B 226 7.13 -24.43 -30.22
C GLU B 226 6.77 -25.39 -31.35
N VAL B 227 5.74 -26.18 -31.12
CA VAL B 227 5.20 -27.08 -32.13
C VAL B 227 3.76 -26.71 -32.46
N PHE B 228 3.52 -26.47 -33.75
CA PHE B 228 2.24 -25.98 -34.28
C PHE B 228 1.63 -26.91 -35.32
N GLN B 229 0.33 -26.72 -35.53
CA GLN B 229 -0.44 -27.40 -36.57
C GLN B 229 -0.79 -26.41 -37.66
N CYS B 230 -0.51 -26.76 -38.90
CA CYS B 230 -0.87 -25.88 -40.00
C CYS B 230 -2.36 -25.83 -40.25
N ALA B 231 -2.78 -24.83 -41.02
CA ALA B 231 -4.17 -24.74 -41.42
C ALA B 231 -4.54 -25.92 -42.30
N PRO B 232 -5.69 -26.54 -42.05
CA PRO B 232 -6.23 -27.67 -42.82
C PRO B 232 -6.24 -27.43 -44.33
N GLU B 233 -6.54 -26.19 -44.74
CA GLU B 233 -6.72 -25.87 -46.16
C GLU B 233 -5.46 -26.15 -46.97
N VAL B 237 2.53 -26.04 -45.80
CA VAL B 237 2.51 -27.41 -46.30
C VAL B 237 3.69 -27.90 -47.18
N PRO B 238 4.17 -27.10 -48.14
CA PRO B 238 5.39 -27.67 -48.73
C PRO B 238 6.55 -27.66 -47.74
N HIS B 239 7.56 -28.50 -47.98
CA HIS B 239 8.61 -28.70 -47.01
C HIS B 239 9.61 -27.55 -46.94
N PHE B 240 9.88 -27.11 -45.72
CA PHE B 240 10.69 -25.93 -45.50
C PHE B 240 11.57 -26.12 -44.26
N SER B 241 12.85 -25.82 -44.40
CA SER B 241 13.73 -25.73 -43.24
C SER B 241 14.56 -24.46 -43.40
N GLY B 242 14.38 -23.51 -42.49
CA GLY B 242 15.12 -22.26 -42.57
C GLY B 242 14.47 -21.21 -41.70
N PRO B 243 15.05 -20.00 -41.67
CA PRO B 243 14.54 -18.92 -40.82
C PRO B 243 13.08 -18.56 -41.16
N CYS B 244 12.37 -17.97 -40.21
CA CYS B 244 10.94 -17.70 -40.36
C CYS B 244 10.65 -16.37 -41.04
N ASP B 245 11.67 -15.55 -41.17
CA ASP B 245 11.56 -14.31 -41.95
C ASP B 245 12.15 -14.42 -43.36
N SER B 246 12.65 -15.60 -43.69
CA SER B 246 13.39 -15.81 -44.93
C SER B 246 12.71 -15.56 -46.30
N LYS B 247 11.39 -15.51 -46.36
CA LYS B 247 10.68 -15.13 -47.59
C LYS B 247 11.11 -16.13 -48.66
N MET B 248 10.91 -17.42 -48.41
CA MET B 248 11.27 -18.46 -49.37
C MET B 248 10.97 -18.11 -50.85
N LEU B 253 3.80 -17.58 -46.69
CA LEU B 253 3.00 -18.60 -47.37
C LEU B 253 2.10 -19.35 -46.40
N ASN B 254 2.47 -19.29 -45.13
CA ASN B 254 1.80 -20.01 -44.06
C ASN B 254 1.20 -19.07 -43.02
N TYR B 255 0.00 -19.34 -42.52
CA TYR B 255 -0.04 -19.39 -41.07
C TYR B 255 -0.62 -20.71 -40.60
N CYS B 256 0.33 -21.41 -39.99
CA CYS B 256 0.21 -22.68 -39.33
C CYS B 256 0.08 -22.38 -37.85
N ARG B 257 -0.08 -21.10 -37.53
CA ARG B 257 -0.35 -20.75 -36.14
C ARG B 257 -1.55 -21.53 -35.66
N HIS B 258 -1.31 -22.30 -34.62
CA HIS B 258 -2.18 -22.66 -33.51
C HIS B 258 -1.31 -23.68 -32.77
N VAL B 259 -1.53 -23.92 -31.48
CA VAL B 259 -0.46 -24.50 -30.69
C VAL B 259 -0.69 -25.88 -30.06
N LEU B 260 0.08 -26.86 -30.54
CA LEU B 260 0.15 -28.16 -29.88
C LEU B 260 1.08 -28.15 -28.67
N ALA B 261 2.27 -27.55 -28.81
CA ALA B 261 3.24 -27.63 -27.71
C ALA B 261 4.12 -26.39 -27.58
N ALA B 262 4.47 -26.05 -26.34
CA ALA B 262 5.34 -24.92 -26.06
C ALA B 262 6.32 -25.21 -24.93
N TRP B 263 7.57 -24.84 -25.12
CA TRP B 263 8.61 -25.01 -24.11
C TRP B 263 9.49 -23.78 -23.97
N ALA B 264 9.90 -23.49 -22.74
CA ALA B 264 10.80 -22.39 -22.45
C ALA B 264 11.81 -22.81 -21.40
N LEU B 265 12.88 -22.02 -21.25
CA LEU B 265 13.99 -22.36 -20.37
C LEU B 265 13.56 -22.70 -18.95
N GLY B 266 14.07 -23.82 -18.45
CA GLY B 266 13.81 -24.26 -17.08
C GLY B 266 12.70 -25.28 -16.96
N ALA B 267 11.90 -25.42 -18.01
CA ALA B 267 10.77 -26.34 -18.01
C ALA B 267 11.24 -27.77 -18.18
N LYS B 268 10.78 -28.66 -17.32
CA LYS B 268 11.16 -30.07 -17.37
C LYS B 268 10.22 -30.82 -18.34
N ALA B 269 8.93 -30.83 -18.07
CA ALA B 269 7.98 -31.56 -18.90
C ALA B 269 6.59 -30.99 -18.71
N PHE B 270 5.71 -31.21 -19.67
CA PHE B 270 4.34 -30.73 -19.56
C PHE B 270 3.43 -31.94 -19.58
N TYR B 271 2.58 -32.03 -18.56
CA TYR B 271 1.68 -33.15 -18.41
C TYR B 271 0.22 -32.73 -18.45
N TYR B 272 -0.58 -33.43 -19.25
CA TYR B 272 -2.01 -33.18 -19.26
C TYR B 272 -2.66 -33.97 -18.12
N PRO B 273 -3.70 -33.40 -17.50
CA PRO B 273 -4.37 -34.03 -16.35
C PRO B 273 -4.94 -35.40 -16.70
N GLU B 274 -5.20 -36.24 -15.70
CA GLU B 274 -5.68 -37.60 -15.95
C GLU B 274 -7.00 -37.64 -16.73
N GLU B 275 -7.76 -36.56 -16.65
CA GLU B 275 -9.06 -36.45 -17.33
C GLU B 275 -8.99 -36.07 -18.81
N ALA B 276 -7.88 -35.48 -19.23
CA ALA B 276 -7.83 -34.89 -20.57
C ALA B 276 -6.50 -35.07 -21.31
N GLY B 277 -6.55 -34.85 -22.61
CA GLY B 277 -5.39 -34.86 -23.47
C GLY B 277 -5.65 -33.96 -24.67
N LEU B 278 -4.63 -33.66 -25.46
CA LEU B 278 -4.84 -32.75 -26.60
C LEU B 278 -4.92 -33.49 -27.94
N ALA B 279 -6.01 -33.28 -28.67
CA ALA B 279 -6.33 -34.12 -29.82
C ALA B 279 -5.62 -33.75 -31.13
N PHE B 280 -4.99 -34.74 -31.76
CA PHE B 280 -4.42 -34.58 -33.12
C PHE B 280 -4.52 -35.92 -33.86
N GLY B 281 -4.79 -35.90 -35.16
CA GLY B 281 -5.31 -37.10 -35.81
C GLY B 281 -5.90 -36.89 -37.19
N GLY B 282 -6.86 -37.73 -37.57
CA GLY B 282 -7.60 -37.57 -38.80
C GLY B 282 -8.43 -36.28 -38.73
N PRO B 283 -9.07 -35.90 -39.85
CA PRO B 283 -9.78 -34.60 -39.94
C PRO B 283 -10.90 -34.48 -38.91
N GLY B 284 -11.20 -33.29 -38.39
CA GLY B 284 -10.77 -31.97 -38.87
C GLY B 284 -9.31 -31.54 -38.76
N SER B 285 -8.47 -32.43 -38.25
CA SER B 285 -7.03 -32.21 -38.16
C SER B 285 -6.39 -31.76 -39.47
N SER B 286 -5.43 -30.86 -39.34
CA SER B 286 -4.53 -30.61 -40.44
C SER B 286 -3.60 -31.77 -40.67
N ARG B 287 -3.09 -31.83 -41.89
CA ARG B 287 -2.11 -32.84 -42.27
C ARG B 287 -0.69 -32.55 -41.75
N TYR B 288 -0.15 -31.36 -42.01
CA TYR B 288 1.29 -31.10 -41.88
C TYR B 288 1.66 -30.27 -40.62
N LEU B 289 2.83 -30.56 -40.02
CA LEU B 289 3.27 -29.88 -38.78
C LEU B 289 4.41 -28.88 -38.91
N ARG B 290 4.32 -27.79 -38.15
CA ARG B 290 5.39 -26.78 -38.17
C ARG B 290 6.10 -26.56 -36.83
N LEU B 291 7.41 -26.72 -36.81
CA LEU B 291 8.23 -26.49 -35.62
C LEU B 291 8.99 -25.17 -35.71
N GLU B 292 8.89 -24.35 -34.66
CA GLU B 292 9.66 -23.11 -34.61
C GLU B 292 10.59 -23.11 -33.40
N VAL B 293 11.89 -23.01 -33.66
CA VAL B 293 12.89 -22.99 -32.59
C VAL B 293 13.59 -21.64 -32.49
N HIS B 294 13.66 -21.09 -31.29
CA HIS B 294 14.28 -19.78 -31.05
C HIS B 294 15.69 -19.90 -30.48
N TYR B 295 16.66 -19.38 -31.22
CA TYR B 295 18.05 -19.38 -30.82
C TYR B 295 18.45 -17.99 -30.37
N HIS B 296 18.93 -17.91 -29.12
CA HIS B 296 19.45 -16.67 -28.59
C HIS B 296 20.96 -16.80 -28.60
N ASN B 297 21.63 -15.96 -29.39
CA ASN B 297 23.05 -16.18 -29.62
C ASN B 297 23.92 -14.93 -29.40
N PRO B 298 24.01 -14.48 -28.14
CA PRO B 298 25.01 -13.46 -27.86
C PRO B 298 26.36 -14.10 -28.09
N LEU B 299 27.41 -13.32 -28.28
CA LEU B 299 28.76 -13.82 -28.56
C LEU B 299 28.84 -14.26 -30.02
N VAL B 300 27.67 -14.44 -30.63
CA VAL B 300 27.54 -14.92 -32.00
C VAL B 300 28.46 -16.11 -32.26
N ILE B 301 28.11 -17.27 -31.70
CA ILE B 301 28.87 -18.48 -31.97
C ILE B 301 28.64 -18.83 -33.44
N GLU B 302 29.52 -19.64 -34.02
CA GLU B 302 29.48 -19.93 -35.45
C GLU B 302 29.89 -21.35 -35.79
N GLY B 303 29.24 -21.90 -36.82
CA GLY B 303 29.43 -23.29 -37.19
C GLY B 303 28.87 -24.26 -36.17
N ARG B 304 27.96 -23.78 -35.34
CA ARG B 304 27.37 -24.61 -34.29
C ARG B 304 26.12 -25.32 -34.79
N ASN B 305 26.12 -26.64 -34.72
CA ASN B 305 25.02 -27.44 -35.27
C ASN B 305 24.03 -27.87 -34.19
N ASP B 306 22.74 -27.85 -34.54
CA ASP B 306 21.68 -28.09 -33.55
C ASP B 306 20.64 -29.05 -34.11
N SER B 307 20.42 -30.16 -33.40
CA SER B 307 19.28 -31.04 -33.66
C SER B 307 18.07 -30.83 -32.75
N SER B 308 18.08 -29.82 -31.91
CA SER B 308 17.10 -29.67 -30.83
C SER B 308 15.65 -29.50 -31.30
N GLY B 309 14.71 -29.82 -30.41
CA GLY B 309 13.28 -29.82 -30.72
C GLY B 309 12.47 -30.35 -29.53
N ILE B 310 11.25 -30.81 -29.77
CA ILE B 310 10.41 -31.31 -28.68
C ILE B 310 9.89 -32.73 -28.95
N ARG B 311 9.78 -33.54 -27.90
CA ARG B 311 9.22 -34.88 -28.01
C ARG B 311 7.83 -34.97 -27.38
N LEU B 312 6.89 -35.48 -28.16
CA LEU B 312 5.51 -35.63 -27.73
C LEU B 312 5.20 -37.05 -27.30
N TYR B 313 4.48 -37.19 -26.19
CA TYR B 313 3.96 -38.48 -25.77
C TYR B 313 2.45 -38.49 -25.96
N TYR B 314 1.98 -39.34 -26.87
CA TYR B 314 0.56 -39.39 -27.22
C TYR B 314 0.01 -40.81 -27.15
N THR B 315 -1.30 -40.94 -26.97
CA THR B 315 -1.90 -42.27 -26.91
C THR B 315 -3.05 -42.47 -27.91
N ALA B 316 -3.19 -43.73 -28.34
CA ALA B 316 -4.20 -44.14 -29.31
C ALA B 316 -5.59 -44.12 -28.68
N LYS B 317 -5.67 -44.58 -27.44
CA LYS B 317 -6.91 -44.52 -26.69
C LYS B 317 -7.09 -43.25 -25.87
N LEU B 318 -8.06 -42.46 -26.32
CA LEU B 318 -8.42 -41.17 -25.74
C LEU B 318 -8.80 -41.32 -24.28
N ARG B 319 -8.45 -40.34 -23.46
CA ARG B 319 -9.06 -40.24 -22.14
C ARG B 319 -10.35 -39.46 -22.23
N ARG B 320 -11.01 -39.30 -21.07
CA ARG B 320 -12.41 -38.90 -21.04
C ARG B 320 -12.73 -37.60 -21.76
N PHE B 321 -11.92 -36.57 -21.55
CA PHE B 321 -12.24 -35.27 -22.14
C PHE B 321 -11.19 -34.78 -23.12
N ASN B 322 -11.64 -33.93 -24.05
CA ASN B 322 -10.75 -33.19 -24.92
C ASN B 322 -10.34 -31.88 -24.24
N ALA B 323 -9.05 -31.59 -24.28
CA ALA B 323 -8.50 -30.40 -23.65
C ALA B 323 -8.60 -29.22 -24.60
N GLY B 324 -8.89 -28.04 -24.06
CA GLY B 324 -9.01 -26.86 -24.89
C GLY B 324 -8.44 -25.60 -24.28
N ILE B 325 -8.37 -24.56 -25.11
CA ILE B 325 -7.79 -23.29 -24.73
C ILE B 325 -8.79 -22.14 -24.86
N MET B 326 -8.90 -21.35 -23.79
CA MET B 326 -9.81 -20.21 -23.76
C MET B 326 -9.03 -18.92 -23.55
N GLU B 327 -9.39 -17.90 -24.31
CA GLU B 327 -8.71 -16.62 -24.24
C GLU B 327 -9.42 -15.67 -23.28
N LEU B 328 -8.76 -15.37 -22.16
CA LEU B 328 -9.29 -14.43 -21.18
C LEU B 328 -8.58 -13.10 -21.32
N GLY B 329 -9.28 -11.98 -21.14
CA GLY B 329 -8.56 -10.72 -21.17
C GLY B 329 -9.30 -9.50 -21.67
N LEU B 330 -8.50 -8.53 -22.11
CA LEU B 330 -9.03 -7.36 -22.78
C LEU B 330 -9.15 -7.61 -24.27
N VAL B 331 -10.25 -7.18 -24.86
CA VAL B 331 -10.42 -7.21 -26.30
C VAL B 331 -9.41 -6.23 -26.88
N TYR B 332 -9.05 -6.37 -28.15
CA TYR B 332 -8.03 -5.46 -28.67
C TYR B 332 -8.75 -4.25 -29.26
N THR B 333 -8.63 -3.13 -28.56
CA THR B 333 -9.28 -1.89 -28.95
C THR B 333 -8.42 -0.72 -28.49
N PRO B 334 -8.42 0.39 -29.23
CA PRO B 334 -7.69 1.56 -28.76
C PRO B 334 -8.31 2.18 -27.51
N VAL B 335 -9.57 1.83 -27.22
CA VAL B 335 -10.29 2.44 -26.11
C VAL B 335 -9.63 2.15 -24.76
N MET B 336 -8.84 1.08 -24.70
CA MET B 336 -8.07 0.77 -23.51
C MET B 336 -6.69 1.37 -23.64
N ALA B 337 -6.34 2.26 -22.71
CA ALA B 337 -5.09 2.99 -22.83
C ALA B 337 -4.35 3.14 -21.51
N ILE B 338 -3.03 3.22 -21.61
CA ILE B 338 -2.17 3.49 -20.46
C ILE B 338 -1.49 4.84 -20.62
N PRO B 339 -1.76 5.77 -19.69
CA PRO B 339 -1.09 7.08 -19.74
C PRO B 339 0.42 6.94 -19.60
N PRO B 340 1.19 7.88 -20.16
CA PRO B 340 2.64 7.81 -20.11
C PRO B 340 3.21 8.08 -18.72
N ARG B 341 4.46 7.70 -18.49
CA ARG B 341 5.18 7.95 -17.25
C ARG B 341 4.50 7.36 -16.01
N GLU B 342 3.97 6.14 -16.14
CA GLU B 342 3.37 5.45 -15.00
C GLU B 342 4.26 4.31 -14.52
N THR B 343 4.52 4.29 -13.22
CA THR B 343 5.30 3.21 -12.61
C THR B 343 4.50 1.92 -12.63
N ALA B 344 3.28 1.99 -12.11
CA ALA B 344 2.34 0.89 -12.18
C ALA B 344 0.96 1.38 -12.57
N PHE B 345 0.46 0.93 -13.71
CA PHE B 345 -0.90 1.28 -14.12
C PHE B 345 -1.65 0.01 -14.49
N ILE B 346 -2.84 -0.17 -13.91
CA ILE B 346 -3.53 -1.44 -14.02
C ILE B 346 -4.73 -1.42 -14.97
N LEU B 347 -4.71 -2.32 -15.94
CA LEU B 347 -5.84 -2.53 -16.84
C LEU B 347 -6.50 -3.87 -16.59
N THR B 348 -7.83 -3.90 -16.50
CA THR B 348 -8.52 -5.13 -16.17
C THR B 348 -9.57 -5.54 -17.18
N GLY B 349 -9.53 -6.81 -17.58
CA GLY B 349 -10.59 -7.42 -18.37
C GLY B 349 -11.37 -8.42 -17.55
N TYR B 350 -12.52 -8.84 -18.07
CA TYR B 350 -13.49 -9.61 -17.30
C TYR B 350 -14.14 -10.73 -18.10
N CYS B 351 -14.43 -11.83 -17.42
CA CYS B 351 -15.37 -12.83 -17.90
C CYS B 351 -16.54 -12.84 -16.94
N THR B 352 -17.68 -12.33 -17.40
CA THR B 352 -18.86 -12.09 -16.56
C THR B 352 -19.66 -13.34 -16.22
N ASP B 353 -20.44 -13.26 -15.15
CA ASP B 353 -21.29 -14.37 -14.70
C ASP B 353 -22.29 -14.82 -15.75
N LYS B 354 -22.70 -13.90 -16.61
CA LYS B 354 -23.69 -14.18 -17.64
C LYS B 354 -23.07 -15.10 -18.69
N CYS B 355 -21.83 -14.80 -19.05
CA CYS B 355 -21.10 -15.56 -20.04
C CYS B 355 -20.80 -16.97 -19.58
N THR B 356 -20.34 -17.10 -18.35
CA THR B 356 -20.03 -18.43 -17.81
C THR B 356 -21.30 -19.23 -17.60
N GLN B 357 -22.34 -18.58 -17.07
CA GLN B 357 -23.60 -19.26 -16.86
C GLN B 357 -24.09 -19.84 -18.17
N LEU B 358 -23.96 -19.05 -19.22
CA LEU B 358 -24.42 -19.50 -20.53
C LEU B 358 -23.56 -20.56 -21.21
N ALA B 359 -22.27 -20.33 -21.32
CA ALA B 359 -21.42 -21.18 -22.17
C ALA B 359 -20.69 -22.30 -21.44
N LEU B 360 -20.82 -22.37 -20.13
CA LEU B 360 -20.14 -23.41 -19.36
C LEU B 360 -21.06 -24.59 -19.11
N PRO B 361 -20.52 -25.81 -19.15
CA PRO B 361 -21.33 -26.98 -18.81
C PRO B 361 -21.72 -26.91 -17.34
N PRO B 362 -22.86 -27.54 -16.96
CA PRO B 362 -23.35 -27.54 -15.59
C PRO B 362 -22.31 -27.99 -14.57
N SER B 363 -21.49 -28.98 -14.95
CA SER B 363 -20.39 -29.43 -14.12
C SER B 363 -19.33 -28.34 -13.98
N GLY B 364 -19.21 -27.51 -15.02
CA GLY B 364 -18.20 -26.48 -15.05
C GLY B 364 -16.92 -26.99 -15.72
N ILE B 365 -15.86 -26.21 -15.66
CA ILE B 365 -14.60 -26.61 -16.24
C ILE B 365 -13.46 -26.61 -15.21
N HIS B 366 -12.39 -27.31 -15.53
CA HIS B 366 -11.22 -27.39 -14.66
C HIS B 366 -9.98 -26.90 -15.39
N ILE B 367 -9.36 -25.85 -14.84
CA ILE B 367 -8.18 -25.23 -15.45
C ILE B 367 -6.91 -25.83 -14.87
N PHE B 368 -6.18 -26.57 -15.72
CA PHE B 368 -4.88 -27.09 -15.31
C PHE B 368 -3.69 -26.28 -15.80
N ALA B 369 -3.90 -25.27 -16.64
CA ALA B 369 -2.72 -24.53 -17.13
C ALA B 369 -3.00 -23.09 -17.55
N SER B 370 -1.95 -22.26 -17.54
CA SER B 370 -2.10 -20.87 -17.97
C SER B 370 -0.84 -20.27 -18.61
N GLN B 371 -1.04 -19.44 -19.62
CA GLN B 371 0.05 -18.70 -20.25
C GLN B 371 -0.30 -17.21 -20.32
N LEU B 372 0.57 -16.36 -19.79
CA LEU B 372 0.28 -14.93 -19.73
C LEU B 372 0.91 -14.17 -20.87
N HIS B 373 0.16 -13.24 -21.45
CA HIS B 373 0.62 -12.50 -22.62
C HIS B 373 0.32 -11.01 -22.53
N THR B 374 1.38 -10.21 -22.62
CA THR B 374 1.29 -8.78 -22.81
C THR B 374 2.39 -8.36 -23.77
N HIS B 375 2.45 -7.08 -24.08
CA HIS B 375 3.57 -6.54 -24.82
C HIS B 375 4.60 -5.92 -23.87
N LEU B 376 5.58 -5.25 -24.44
CA LEU B 376 6.81 -4.86 -23.75
C LEU B 376 6.66 -4.11 -22.42
N THR B 377 5.55 -3.38 -22.25
CA THR B 377 5.39 -2.58 -21.04
C THR B 377 4.74 -3.38 -19.91
N GLY B 378 4.44 -4.65 -20.17
CA GLY B 378 3.83 -5.51 -19.19
C GLY B 378 4.81 -5.90 -18.08
N ARG B 379 4.34 -5.83 -16.84
CA ARG B 379 5.15 -6.15 -15.68
CA ARG B 379 5.17 -6.20 -15.71
C ARG B 379 4.46 -7.19 -14.79
N LYS B 380 3.30 -6.82 -14.25
CA LYS B 380 2.57 -7.80 -13.45
C LYS B 380 1.35 -8.31 -14.21
N VAL B 381 0.99 -9.58 -13.99
CA VAL B 381 -0.24 -10.16 -14.53
C VAL B 381 -0.89 -11.09 -13.51
N VAL B 382 -2.20 -10.96 -13.31
CA VAL B 382 -2.91 -11.83 -12.38
C VAL B 382 -4.32 -12.18 -12.88
N THR B 383 -4.72 -13.43 -12.70
CA THR B 383 -6.09 -13.85 -12.96
C THR B 383 -6.67 -14.51 -11.72
N VAL B 384 -7.82 -14.00 -11.28
CA VAL B 384 -8.49 -14.52 -10.10
C VAL B 384 -9.92 -14.99 -10.38
N LEU B 385 -10.39 -15.88 -9.53
CA LEU B 385 -11.74 -16.43 -9.62
C LEU B 385 -12.63 -15.83 -8.54
N VAL B 386 -13.78 -15.34 -8.95
CA VAL B 386 -14.69 -14.67 -8.04
C VAL B 386 -16.04 -15.34 -8.06
N ARG B 387 -16.53 -15.70 -6.88
CA ARG B 387 -17.85 -16.29 -6.74
C ARG B 387 -18.73 -15.40 -5.88
N ASP B 388 -19.91 -15.09 -6.42
CA ASP B 388 -20.86 -14.19 -5.79
C ASP B 388 -20.22 -12.88 -5.34
N GLY B 389 -19.41 -12.26 -6.19
CA GLY B 389 -18.86 -10.95 -5.87
C GLY B 389 -17.80 -10.95 -4.77
N ARG B 390 -17.25 -12.12 -4.48
CA ARG B 390 -16.24 -12.39 -3.46
C ARG B 390 -15.10 -13.16 -4.08
N GLU B 391 -13.87 -12.73 -3.79
CA GLU B 391 -12.71 -13.37 -4.40
C GLU B 391 -12.47 -14.67 -3.68
N TRP B 392 -12.55 -15.75 -4.45
CA TRP B 392 -12.42 -17.08 -3.90
C TRP B 392 -11.01 -17.61 -4.12
N GLU B 393 -10.55 -17.71 -5.37
CA GLU B 393 -9.23 -18.29 -5.60
C GLU B 393 -8.42 -17.55 -6.67
N ILE B 394 -7.10 -17.66 -6.56
CA ILE B 394 -6.17 -17.11 -7.53
C ILE B 394 -5.88 -18.15 -8.61
N VAL B 395 -6.29 -17.86 -9.83
CA VAL B 395 -6.03 -18.77 -10.93
C VAL B 395 -4.56 -18.76 -11.30
N ASN B 396 -4.02 -17.58 -11.59
CA ASN B 396 -2.59 -17.48 -11.89
C ASN B 396 -2.00 -16.14 -11.50
N GLN B 397 -0.76 -16.14 -11.02
CA GLN B 397 -0.13 -14.89 -10.59
C GLN B 397 1.34 -14.78 -10.97
N ASP B 398 1.71 -13.69 -11.65
CA ASP B 398 3.11 -13.33 -11.78
C ASP B 398 3.30 -11.84 -11.52
N ASN B 399 3.99 -11.49 -10.44
CA ASN B 399 4.28 -10.08 -10.17
C ASN B 399 5.53 -9.61 -10.89
N HIS B 400 6.39 -10.56 -11.22
CA HIS B 400 7.66 -10.31 -11.89
C HIS B 400 7.61 -10.54 -13.40
N TYR B 401 6.43 -10.79 -13.94
CA TYR B 401 6.25 -11.19 -15.33
C TYR B 401 6.98 -10.32 -16.34
N SER B 402 7.58 -10.97 -17.32
CA SER B 402 8.25 -10.28 -18.43
C SER B 402 7.76 -10.82 -19.77
N PRO B 403 7.62 -9.93 -20.76
CA PRO B 403 7.22 -10.30 -22.12
C PRO B 403 8.28 -11.17 -22.81
N HIS B 404 9.53 -11.04 -22.39
CA HIS B 404 10.61 -11.81 -23.01
C HIS B 404 10.61 -13.27 -22.60
N PHE B 405 10.06 -13.55 -21.43
CA PHE B 405 9.86 -14.92 -20.95
C PHE B 405 8.40 -15.24 -20.82
N GLN B 406 7.82 -16.04 -21.69
CA GLN B 406 6.42 -16.29 -21.48
C GLN B 406 6.31 -17.75 -21.71
N GLU B 407 5.85 -18.56 -20.75
CA GLU B 407 5.73 -19.99 -21.02
C GLU B 407 4.38 -20.51 -20.56
N ILE B 408 3.95 -21.66 -21.07
CA ILE B 408 2.72 -22.26 -20.57
C ILE B 408 3.05 -22.96 -19.25
N ARG B 409 2.40 -22.51 -18.18
CA ARG B 409 2.69 -23.01 -16.83
C ARG B 409 1.59 -23.88 -16.28
N MET B 410 1.97 -25.04 -15.76
CA MET B 410 1.06 -25.90 -15.03
C MET B 410 0.72 -25.31 -13.67
N LEU B 411 -0.58 -25.23 -13.38
CA LEU B 411 -1.01 -24.75 -12.07
C LEU B 411 -0.79 -25.83 -11.02
N LYS B 412 -0.35 -25.42 -9.85
CA LYS B 412 -0.13 -26.35 -8.75
C LYS B 412 -1.41 -27.08 -8.37
N LYS B 413 -2.49 -26.32 -8.29
CA LYS B 413 -3.82 -26.87 -8.02
C LYS B 413 -4.75 -26.58 -9.18
N VAL B 414 -5.36 -27.63 -9.72
CA VAL B 414 -6.33 -27.47 -10.81
C VAL B 414 -7.50 -26.65 -10.29
N VAL B 415 -7.91 -25.62 -11.04
CA VAL B 415 -8.90 -24.69 -10.52
C VAL B 415 -10.25 -24.84 -11.19
N SER B 416 -11.30 -25.02 -10.37
CA SER B 416 -12.63 -25.28 -10.90
C SER B 416 -13.45 -24.00 -11.09
N VAL B 417 -13.90 -23.78 -12.32
CA VAL B 417 -14.78 -22.66 -12.61
C VAL B 417 -16.18 -23.17 -12.94
N HIS B 418 -17.17 -22.68 -12.22
CA HIS B 418 -18.53 -23.16 -12.40
C HIS B 418 -19.38 -22.15 -13.15
N PRO B 419 -20.63 -22.52 -13.51
CA PRO B 419 -21.50 -21.52 -14.12
C PRO B 419 -21.80 -20.37 -13.16
N GLY B 420 -21.80 -19.15 -13.68
CA GLY B 420 -22.09 -17.99 -12.86
C GLY B 420 -20.90 -17.39 -12.15
N ASP B 421 -19.74 -18.04 -12.26
CA ASP B 421 -18.52 -17.51 -11.68
C ASP B 421 -17.94 -16.41 -12.57
N VAL B 422 -17.21 -15.49 -11.97
CA VAL B 422 -16.60 -14.40 -12.71
C VAL B 422 -15.08 -14.53 -12.71
N LEU B 423 -14.47 -14.40 -13.89
CA LEU B 423 -13.01 -14.44 -13.97
C LEU B 423 -12.43 -13.04 -14.19
N ILE B 424 -11.61 -12.58 -13.26
CA ILE B 424 -11.07 -11.23 -13.37
C ILE B 424 -9.58 -11.24 -13.70
N THR B 425 -9.22 -10.60 -14.81
CA THR B 425 -7.82 -10.58 -15.25
C THR B 425 -7.24 -9.17 -15.26
N SER B 426 -6.15 -8.95 -14.54
CA SER B 426 -5.57 -7.62 -14.43
C SER B 426 -4.08 -7.59 -14.76
N CYS B 427 -3.66 -6.56 -15.51
CA CYS B 427 -2.27 -6.37 -15.85
C CYS B 427 -1.72 -5.02 -15.37
N THR B 428 -0.53 -5.04 -14.79
CA THR B 428 0.15 -3.84 -14.33
C THR B 428 1.30 -3.49 -15.26
N TYR B 429 1.25 -2.27 -15.80
CA TYR B 429 2.19 -1.79 -16.81
C TYR B 429 3.08 -0.66 -16.32
N ASN B 430 4.28 -0.57 -16.90
CA ASN B 430 5.18 0.55 -16.64
C ASN B 430 5.49 1.33 -17.92
N THR B 431 4.98 2.55 -17.98
CA THR B 431 5.11 3.43 -19.15
C THR B 431 6.25 4.45 -19.07
N GLU B 432 7.08 4.35 -18.03
CA GLU B 432 8.07 5.39 -17.71
C GLU B 432 8.95 5.81 -18.89
N ASP B 433 9.14 4.91 -19.85
CA ASP B 433 9.96 5.18 -21.03
C ASP B 433 9.16 5.70 -22.23
N ARG B 434 7.85 5.90 -22.06
CA ARG B 434 6.98 6.31 -23.16
C ARG B 434 6.50 7.76 -23.02
N GLU B 435 6.57 8.52 -24.11
CA GLU B 435 6.14 9.91 -24.11
C GLU B 435 4.65 10.06 -24.42
N LEU B 436 4.04 8.99 -24.92
CA LEU B 436 2.65 9.07 -25.35
C LEU B 436 1.78 8.00 -24.69
N ALA B 437 0.47 8.22 -24.74
CA ALA B 437 -0.47 7.24 -24.24
C ALA B 437 -0.38 5.96 -25.05
N THR B 438 -0.27 4.84 -24.36
CA THR B 438 -0.21 3.53 -24.99
C THR B 438 -1.61 2.93 -25.03
N VAL B 439 -2.00 2.42 -26.18
CA VAL B 439 -3.36 1.95 -26.40
C VAL B 439 -3.39 0.46 -26.70
N GLY B 440 -4.54 -0.18 -26.52
CA GLY B 440 -4.67 -1.58 -26.88
C GLY B 440 -4.56 -1.78 -28.38
N GLY B 441 -3.78 -2.78 -28.79
CA GLY B 441 -3.59 -3.05 -30.20
C GLY B 441 -2.56 -4.13 -30.49
N PHE B 442 -2.42 -4.47 -31.77
CA PHE B 442 -1.48 -5.50 -32.21
C PHE B 442 -0.03 -5.03 -32.27
N GLY B 443 0.15 -3.73 -32.47
CA GLY B 443 1.47 -3.15 -32.68
C GLY B 443 2.43 -3.29 -31.52
N ILE B 444 3.72 -3.12 -31.80
CA ILE B 444 4.76 -3.27 -30.78
C ILE B 444 4.64 -2.16 -29.73
N LEU B 445 4.21 -0.98 -30.17
CA LEU B 445 4.11 0.19 -29.29
C LEU B 445 2.75 0.32 -28.65
N GLU B 446 1.88 -0.66 -28.89
CA GLU B 446 0.58 -0.69 -28.25
C GLU B 446 0.49 -1.96 -27.41
N GLU B 447 -0.59 -2.13 -26.67
CA GLU B 447 -0.57 -3.12 -25.60
C GLU B 447 -1.66 -4.19 -25.64
N MET B 448 -1.41 -5.27 -24.90
CA MET B 448 -2.33 -6.38 -24.77
C MET B 448 -2.41 -6.83 -23.32
N CYS B 449 -3.58 -7.28 -22.90
CA CYS B 449 -3.69 -8.06 -21.68
C CYS B 449 -4.46 -9.34 -21.98
N VAL B 450 -3.76 -10.47 -21.93
CA VAL B 450 -4.36 -11.75 -22.30
C VAL B 450 -3.85 -12.88 -21.39
N ASN B 451 -4.76 -13.76 -21.00
CA ASN B 451 -4.41 -15.00 -20.32
C ASN B 451 -4.99 -16.18 -21.08
N TYR B 452 -4.10 -17.02 -21.63
CA TYR B 452 -4.52 -18.23 -22.32
C TYR B 452 -4.68 -19.33 -21.29
N VAL B 453 -5.89 -19.85 -21.19
CA VAL B 453 -6.19 -20.84 -20.16
C VAL B 453 -6.41 -22.22 -20.77
N HIS B 454 -5.71 -23.21 -20.22
CA HIS B 454 -5.83 -24.59 -20.67
C HIS B 454 -6.67 -25.40 -19.69
N TYR B 455 -7.80 -25.90 -20.20
CA TYR B 455 -8.88 -26.47 -19.39
C TYR B 455 -9.54 -27.72 -20.00
N TYR B 456 -10.33 -28.41 -19.18
CA TYR B 456 -11.20 -29.48 -19.65
C TYR B 456 -12.53 -29.44 -18.89
N PRO B 457 -13.61 -29.93 -19.50
CA PRO B 457 -13.71 -30.41 -20.87
C PRO B 457 -13.79 -29.27 -21.87
N GLN B 458 -13.34 -29.48 -23.10
CA GLN B 458 -13.36 -28.44 -24.10
C GLN B 458 -14.80 -28.00 -24.35
N THR B 459 -14.99 -26.69 -24.49
CA THR B 459 -16.31 -26.13 -24.71
C THR B 459 -16.30 -25.25 -25.96
N GLN B 460 -17.44 -24.63 -26.24
CA GLN B 460 -17.53 -23.76 -27.39
C GLN B 460 -17.06 -22.35 -27.05
N LEU B 461 -16.73 -22.14 -25.78
CA LEU B 461 -16.22 -20.84 -25.36
C LEU B 461 -14.75 -20.77 -25.74
N GLU B 462 -14.42 -19.79 -26.56
CA GLU B 462 -13.03 -19.60 -26.98
C GLU B 462 -12.51 -18.27 -26.46
N LEU B 463 -13.11 -17.19 -26.91
CA LEU B 463 -12.74 -15.87 -26.40
C LEU B 463 -13.75 -15.39 -25.35
N CYS B 464 -13.33 -15.36 -24.10
CA CYS B 464 -14.09 -14.64 -23.08
C CYS B 464 -13.29 -13.41 -22.70
N LYS B 465 -13.76 -12.24 -23.12
CA LYS B 465 -12.97 -11.02 -23.00
C LYS B 465 -13.87 -9.81 -22.82
N SER B 466 -13.29 -8.68 -22.39
CA SER B 466 -14.12 -7.48 -22.27
C SER B 466 -13.36 -6.23 -22.66
N ALA B 467 -14.08 -5.11 -22.70
CA ALA B 467 -13.48 -3.81 -22.94
C ALA B 467 -14.39 -2.74 -22.36
N VAL B 468 -13.87 -1.53 -22.17
CA VAL B 468 -14.72 -0.44 -21.67
C VAL B 468 -15.73 -0.06 -22.75
N ASP B 469 -16.92 0.39 -22.33
CA ASP B 469 -17.92 0.85 -23.29
C ASP B 469 -17.45 2.14 -23.94
N ALA B 470 -17.54 2.21 -25.25
CA ALA B 470 -17.02 3.35 -26.01
C ALA B 470 -17.66 4.66 -25.59
N GLY B 471 -18.99 4.64 -25.40
CA GLY B 471 -19.73 5.82 -25.04
C GLY B 471 -19.27 6.44 -23.74
N PHE B 472 -19.00 5.60 -22.75
CA PHE B 472 -18.51 6.08 -21.47
C PHE B 472 -17.11 6.67 -21.61
N LEU B 473 -16.32 6.12 -22.52
CA LEU B 473 -15.00 6.69 -22.80
C LEU B 473 -15.17 8.07 -23.42
N GLN B 474 -16.23 8.21 -24.23
CA GLN B 474 -16.53 9.49 -24.83
C GLN B 474 -16.89 10.49 -23.75
N LYS B 475 -17.69 10.03 -22.78
CA LYS B 475 -18.01 10.87 -21.65
C LYS B 475 -16.74 11.24 -20.90
N TYR B 476 -15.76 10.34 -20.87
CA TYR B 476 -14.48 10.67 -20.25
C TYR B 476 -13.80 11.81 -20.99
N PHE B 477 -13.61 11.65 -22.30
CA PHE B 477 -12.90 12.67 -23.08
C PHE B 477 -13.58 14.03 -22.98
N HIS B 478 -14.91 14.04 -23.06
CA HIS B 478 -15.61 15.31 -23.01
C HIS B 478 -15.61 15.89 -21.59
N LEU B 479 -15.58 15.02 -20.59
CA LEU B 479 -15.52 15.48 -19.21
C LEU B 479 -14.19 16.13 -18.87
N ILE B 480 -13.09 15.48 -19.25
CA ILE B 480 -11.79 16.07 -18.97
C ILE B 480 -11.56 17.30 -19.84
N ASN B 481 -12.02 17.23 -21.09
CA ASN B 481 -11.94 18.38 -21.98
C ASN B 481 -12.64 19.60 -21.40
N ARG B 482 -13.86 19.39 -20.93
CA ARG B 482 -14.63 20.50 -20.36
C ARG B 482 -14.16 20.90 -18.97
N PHE B 483 -13.49 20.00 -18.25
CA PHE B 483 -12.94 20.36 -16.94
C PHE B 483 -11.64 21.15 -16.98
N ASN B 484 -10.68 20.71 -17.80
CA ASN B 484 -9.41 21.44 -17.83
C ASN B 484 -9.51 22.73 -18.62
N ASN B 485 -10.65 22.92 -19.28
CA ASN B 485 -10.96 24.19 -19.92
C ASN B 485 -11.92 24.83 -18.95
N GLU B 486 -11.76 26.12 -18.72
CA GLU B 486 -12.36 26.70 -17.52
C GLU B 486 -13.60 27.54 -17.73
N ASP B 487 -14.70 27.00 -17.22
CA ASP B 487 -15.93 27.71 -16.81
C ASP B 487 -16.99 26.71 -16.37
N VAL B 488 -17.95 27.23 -15.61
CA VAL B 488 -19.05 26.44 -15.10
C VAL B 488 -20.35 26.72 -15.85
N CYS B 489 -21.13 25.66 -16.07
CA CYS B 489 -22.52 25.78 -16.51
C CYS B 489 -22.70 26.51 -17.84
N THR B 490 -22.37 25.84 -18.93
CA THR B 490 -22.63 26.37 -20.27
C THR B 490 -23.11 25.21 -21.11
N CYS B 491 -24.25 25.35 -21.79
CA CYS B 491 -24.67 24.18 -22.53
C CYS B 491 -25.01 24.24 -24.03
N PRO B 492 -24.08 24.71 -24.90
CA PRO B 492 -23.89 24.23 -26.28
C PRO B 492 -23.21 22.86 -26.51
N GLN B 493 -22.09 22.63 -25.81
CA GLN B 493 -21.23 21.43 -25.92
C GLN B 493 -21.02 20.86 -27.32
N ALA B 494 -20.27 21.57 -28.15
CA ALA B 494 -19.89 20.98 -29.43
C ALA B 494 -18.77 19.97 -29.23
N SER B 495 -18.95 18.76 -29.74
CA SER B 495 -17.97 17.69 -29.57
C SER B 495 -16.81 17.76 -30.56
N VAL B 496 -15.57 17.86 -30.08
CA VAL B 496 -14.43 17.89 -30.98
C VAL B 496 -13.33 16.83 -30.95
N SER B 497 -12.53 16.64 -29.88
CA SER B 497 -11.53 15.54 -29.92
C SER B 497 -11.79 14.21 -29.17
N GLN B 498 -11.99 13.13 -29.93
CA GLN B 498 -12.29 11.79 -29.42
C GLN B 498 -11.15 10.78 -29.07
N GLN B 499 -9.92 11.00 -29.51
CA GLN B 499 -8.85 10.01 -29.26
C GLN B 499 -7.72 10.38 -28.30
N PHE B 500 -7.09 9.34 -27.74
CA PHE B 500 -6.12 9.43 -26.65
C PHE B 500 -4.84 10.22 -26.92
N THR B 501 -4.29 10.12 -28.12
CA THR B 501 -3.16 10.97 -28.46
C THR B 501 -3.67 12.41 -28.45
N SER B 502 -2.77 13.35 -28.17
CA SER B 502 -3.07 14.79 -28.04
C SER B 502 -3.63 15.16 -26.66
N VAL B 503 -3.82 14.17 -25.79
CA VAL B 503 -4.34 14.42 -24.44
C VAL B 503 -3.24 14.87 -23.48
N PRO B 504 -3.47 16.01 -22.80
CA PRO B 504 -2.64 16.67 -21.78
C PRO B 504 -2.67 15.95 -20.43
N TRP B 505 -1.79 14.98 -20.22
CA TRP B 505 -1.88 14.13 -19.05
C TRP B 505 -1.32 14.80 -17.80
N ASN B 506 -2.23 14.98 -16.84
CA ASN B 506 -1.91 15.50 -15.52
C ASN B 506 -2.62 14.58 -14.53
N SER B 507 -2.30 14.73 -13.24
CA SER B 507 -2.83 13.82 -12.22
C SER B 507 -4.34 13.62 -12.33
N PHE B 508 -5.07 14.70 -12.62
CA PHE B 508 -6.53 14.63 -12.71
C PHE B 508 -6.98 13.75 -13.87
N ASN B 509 -6.42 13.95 -15.05
CA ASN B 509 -6.80 13.16 -16.22
C ASN B 509 -6.53 11.68 -16.02
N ARG B 510 -5.37 11.37 -15.46
CA ARG B 510 -4.97 10.00 -15.18
C ARG B 510 -5.93 9.36 -14.19
N ASP B 511 -6.13 10.03 -13.07
CA ASP B 511 -6.98 9.52 -11.99
C ASP B 511 -8.42 9.33 -12.44
N VAL B 512 -8.91 10.23 -13.28
CA VAL B 512 -10.27 10.13 -13.80
C VAL B 512 -10.37 9.01 -14.83
N LEU B 513 -9.30 8.77 -15.58
CA LEU B 513 -9.28 7.64 -16.51
C LEU B 513 -9.38 6.34 -15.71
N LYS B 514 -8.58 6.26 -14.65
CA LYS B 514 -8.58 5.11 -13.76
C LYS B 514 -9.96 4.90 -13.13
N ALA B 515 -10.59 5.99 -12.72
CA ALA B 515 -11.93 5.95 -12.15
C ALA B 515 -12.95 5.44 -13.16
N LEU B 516 -12.80 5.89 -14.40
CA LEU B 516 -13.67 5.46 -15.48
C LEU B 516 -13.54 3.96 -15.69
N TYR B 517 -12.31 3.48 -15.75
CA TYR B 517 -12.07 2.05 -15.93
C TYR B 517 -12.61 1.25 -14.75
N SER B 518 -12.55 1.83 -13.56
CA SER B 518 -13.01 1.15 -12.36
C SER B 518 -14.53 1.24 -12.16
N PHE B 519 -15.19 2.10 -12.94
CA PHE B 519 -16.63 2.30 -12.79
C PHE B 519 -17.46 1.81 -13.96
N ALA B 520 -17.23 2.41 -15.13
CA ALA B 520 -18.11 2.28 -16.28
C ALA B 520 -18.39 0.84 -16.68
N PRO B 521 -19.62 0.58 -17.16
CA PRO B 521 -19.99 -0.74 -17.66
C PRO B 521 -19.13 -1.14 -18.84
N ILE B 522 -19.07 -2.43 -19.12
CA ILE B 522 -18.18 -2.93 -20.16
C ILE B 522 -18.93 -3.51 -21.34
N SER B 523 -18.34 -3.36 -22.52
CA SER B 523 -18.77 -4.13 -23.67
C SER B 523 -18.13 -5.50 -23.52
N MET B 524 -18.99 -6.51 -23.44
CA MET B 524 -18.54 -7.86 -23.17
C MET B 524 -18.47 -8.66 -24.46
N HIS B 525 -17.37 -9.37 -24.65
CA HIS B 525 -17.27 -10.27 -25.77
C HIS B 525 -17.25 -11.69 -25.26
N CYS B 526 -18.36 -12.39 -25.49
CA CYS B 526 -18.40 -13.81 -25.31
C CYS B 526 -18.44 -14.39 -26.70
N ASN B 527 -17.33 -14.97 -27.10
CA ASN B 527 -17.19 -15.43 -28.47
C ASN B 527 -16.69 -16.84 -28.65
N LYS B 528 -17.22 -17.42 -29.71
CA LYS B 528 -16.66 -18.57 -30.36
C LYS B 528 -16.34 -18.01 -31.72
N SER B 529 -15.48 -18.65 -32.49
CA SER B 529 -15.33 -18.33 -33.93
C SER B 529 -14.60 -17.03 -34.24
N SER B 530 -14.50 -16.13 -33.27
CA SER B 530 -14.06 -14.73 -33.45
C SER B 530 -15.00 -13.97 -34.37
N ALA B 531 -15.85 -14.69 -35.10
CA ALA B 531 -16.84 -14.10 -35.99
C ALA B 531 -18.27 -14.13 -35.47
N VAL B 532 -18.51 -14.79 -34.34
CA VAL B 532 -19.88 -14.83 -33.82
C VAL B 532 -19.86 -14.71 -32.31
N ARG B 533 -20.83 -13.98 -31.78
CA ARG B 533 -20.98 -13.93 -30.34
C ARG B 533 -21.92 -15.03 -29.89
N PHE B 534 -22.04 -15.15 -28.58
CA PHE B 534 -23.05 -15.99 -27.94
C PHE B 534 -24.40 -15.32 -27.73
N GLN B 535 -25.46 -15.97 -28.22
CA GLN B 535 -26.81 -16.04 -27.65
C GLN B 535 -27.37 -14.77 -27.00
N GLY B 536 -27.30 -13.62 -27.62
CA GLY B 536 -27.76 -12.47 -26.85
C GLY B 536 -27.20 -11.06 -27.07
N GLU B 537 -27.57 -10.15 -26.17
CA GLU B 537 -27.10 -8.77 -26.20
C GLU B 537 -26.04 -8.54 -25.15
N TRP B 538 -24.81 -8.37 -25.63
CA TRP B 538 -23.64 -8.26 -24.77
C TRP B 538 -23.15 -6.84 -24.50
N ASN B 539 -23.83 -5.84 -25.05
CA ASN B 539 -23.43 -4.46 -24.82
C ASN B 539 -23.75 -3.96 -23.41
N LEU B 540 -22.89 -3.09 -22.90
CA LEU B 540 -23.17 -2.34 -21.68
C LEU B 540 -23.46 -3.24 -20.47
N GLN B 541 -22.72 -4.33 -20.35
CA GLN B 541 -22.89 -5.23 -19.22
C GLN B 541 -22.44 -4.55 -17.94
N PRO B 542 -23.13 -4.83 -16.82
CA PRO B 542 -22.71 -4.26 -15.55
C PRO B 542 -21.33 -4.74 -15.16
N LEU B 543 -20.49 -3.82 -14.70
CA LEU B 543 -19.14 -4.18 -14.31
C LEU B 543 -19.17 -5.06 -13.07
N PRO B 544 -18.52 -6.23 -13.14
CA PRO B 544 -18.39 -7.10 -11.97
C PRO B 544 -17.62 -6.38 -10.89
N LYS B 545 -18.06 -6.48 -9.64
CA LYS B 545 -17.31 -5.84 -8.58
C LYS B 545 -17.17 -6.75 -7.36
N VAL B 546 -16.07 -6.54 -6.64
CA VAL B 546 -15.68 -7.40 -5.55
C VAL B 546 -15.85 -6.60 -4.26
N ILE B 547 -16.72 -7.10 -3.37
CA ILE B 547 -17.10 -6.49 -2.09
C ILE B 547 -15.90 -6.50 -1.16
N SER B 548 -14.88 -7.26 -1.61
CA SER B 548 -13.91 -7.87 -0.74
C SER B 548 -12.58 -8.29 -1.40
N THR B 549 -11.54 -8.62 -0.63
CA THR B 549 -10.61 -9.63 -1.19
C THR B 549 -9.99 -10.59 -0.16
N LEU B 550 -9.25 -11.57 -0.67
CA LEU B 550 -8.61 -12.68 0.06
C LEU B 550 -7.28 -12.38 0.76
N GLU B 551 -6.92 -13.21 1.72
CA GLU B 551 -5.77 -12.97 2.59
C GLU B 551 -4.48 -13.58 2.03
N GLU B 552 -3.41 -12.80 2.09
CA GLU B 552 -2.09 -13.19 1.61
C GLU B 552 -1.36 -13.94 2.71
N PRO B 553 -0.75 -15.08 2.37
CA PRO B 553 -0.16 -15.93 3.40
C PRO B 553 1.15 -15.37 3.96
N THR B 554 1.36 -15.56 5.25
CA THR B 554 2.46 -14.91 5.95
C THR B 554 3.75 -15.69 5.75
N PRO B 555 4.85 -14.97 5.54
CA PRO B 555 6.21 -15.47 5.43
C PRO B 555 6.77 -15.83 6.80
N GLN B 556 6.47 -17.05 7.25
CA GLN B 556 6.64 -17.46 8.64
C GLN B 556 8.01 -17.12 9.22
N CYS B 557 8.02 -16.61 10.45
CA CYS B 557 9.24 -16.17 11.09
C CYS B 557 9.52 -16.99 12.34
N VAL B 570 30.91 -14.71 7.18
CA VAL B 570 31.62 -15.20 6.02
C VAL B 570 32.05 -16.65 6.22
N VAL B 571 31.39 -17.57 5.53
CA VAL B 571 31.63 -18.99 5.77
C VAL B 571 32.91 -19.50 5.08
N SER B 572 33.45 -20.59 5.61
CA SER B 572 34.58 -21.29 5.00
C SER B 572 34.36 -22.80 5.07
N ILE B 573 34.32 -23.46 3.92
CA ILE B 573 34.06 -24.89 3.87
C ILE B 573 35.21 -25.65 3.20
N GLY B 574 35.57 -26.80 3.75
CA GLY B 574 36.57 -27.67 3.15
C GLY B 574 36.06 -28.32 1.88
N GLY B 575 36.86 -28.27 0.81
CA GLY B 575 36.49 -28.86 -0.46
C GLY B 575 36.57 -30.37 -0.46
C1 NAG C . -8.55 35.12 7.21
C2 NAG C . -9.83 34.43 7.68
C3 NAG C . -11.01 34.86 6.80
C4 NAG C . -11.28 36.34 6.98
C5 NAG C . -9.98 37.14 6.95
C6 NAG C . -9.58 37.73 8.29
C7 NAG C . -9.57 32.25 8.78
C8 NAG C . -9.59 33.01 10.07
N2 NAG C . -9.69 32.98 7.66
O3 NAG C . -12.16 34.10 7.17
O4 NAG C . -12.14 36.81 5.95
O5 NAG C . -8.88 36.35 6.47
O6 NAG C . -10.59 37.52 9.26
O7 NAG C . -9.45 31.03 8.73
C1 NAG C . -13.48 36.98 6.43
C2 NAG C . -14.26 37.82 5.41
C3 NAG C . -15.71 37.98 5.85
C4 NAG C . -16.34 36.62 6.11
C5 NAG C . -15.49 35.84 7.12
C6 NAG C . -15.99 34.44 7.35
C7 NAG C . -13.04 39.50 4.10
C8 NAG C . -12.46 40.88 4.09
N2 NAG C . -13.64 39.13 5.23
O3 NAG C . -16.44 38.66 4.84
O4 NAG C . -17.66 36.77 6.62
O5 NAG C . -14.15 35.73 6.62
O6 NAG C . -15.60 33.57 6.30
O7 NAG C . -12.96 38.75 3.13
C1 NAG D . -17.76 -18.88 27.05
C2 NAG D . -19.15 -19.39 26.89
C3 NAG D . -19.71 -19.68 28.28
C4 NAG D . -18.77 -20.55 29.11
C5 NAG D . -17.28 -20.22 28.92
C6 NAG D . -16.38 -21.37 29.30
C7 NAG D . -20.02 -18.38 24.84
C8 NAG D . -20.94 -17.36 24.25
N2 NAG D . -19.99 -18.47 26.18
O3 NAG D . -20.99 -20.30 28.15
O4 NAG D . -19.09 -20.27 30.48
O5 NAG D . -16.93 -19.87 27.56
O6 NAG D . -15.63 -21.85 28.19
O7 NAG D . -19.29 -19.08 24.13
C1 NAG D . -19.38 -21.34 31.42
C2 NAG D . -20.67 -22.15 31.20
C3 NAG D . -20.93 -23.07 32.42
C4 NAG D . -19.70 -23.87 32.78
C5 NAG D . -18.51 -22.94 32.95
C6 NAG D . -17.22 -23.64 33.29
C7 NAG D . -22.81 -21.53 30.14
C8 NAG D . -22.73 -22.83 29.38
N2 NAG D . -21.79 -21.27 30.98
O3 NAG D . -22.04 -23.93 32.15
O4 NAG D . -19.91 -24.59 33.99
O5 NAG D . -18.29 -22.23 31.71
O6 NAG D . -16.60 -24.20 32.14
O7 NAG D . -23.74 -20.74 29.98
C1 BMA D . -20.21 -25.99 33.76
C2 BMA D . -19.07 -26.70 33.00
C3 BMA D . -19.38 -28.18 32.84
C4 BMA D . -19.71 -28.80 34.19
C5 BMA D . -20.90 -28.07 34.80
C6 BMA D . -21.30 -28.62 36.16
O2 BMA D . -17.86 -26.65 33.74
O3 BMA D . -18.30 -28.87 32.23
O4 BMA D . -20.03 -30.18 34.04
O5 BMA D . -20.54 -26.68 34.97
O6 BMA D . -22.60 -29.19 36.06
C1 NAG E . 26.12 -29.31 -39.67
C2 NAG E . 26.56 -30.59 -40.39
C3 NAG E . 26.63 -30.36 -41.89
C4 NAG E . 25.31 -29.81 -42.39
C5 NAG E . 25.00 -28.52 -41.65
C6 NAG E . 23.68 -27.90 -42.05
C7 NAG E . 27.96 -32.13 -39.09
C8 NAG E . 29.36 -32.49 -38.67
N2 NAG E . 27.84 -31.07 -39.89
O3 NAG E . 26.93 -31.59 -42.56
O4 NAG E . 25.32 -29.61 -43.81
O5 NAG E . 24.91 -28.82 -40.25
O6 NAG E . 22.61 -28.81 -41.90
O7 NAG E . 26.99 -32.79 -38.73
C1 NAG E . 26.36 -28.78 -44.31
C2 NAG E . 26.75 -29.36 -45.67
C3 NAG E . 27.70 -28.44 -46.43
C4 NAG E . 27.08 -27.04 -46.53
C5 NAG E . 26.78 -26.54 -45.12
C6 NAG E . 26.15 -25.17 -45.10
C7 NAG E . 27.01 -31.74 -46.27
C8 NAG E . 27.73 -33.02 -45.96
N2 NAG E . 27.35 -30.69 -45.51
O3 NAG E . 27.94 -28.99 -47.72
O4 NAG E . 27.96 -26.13 -47.19
O5 NAG E . 25.87 -27.44 -44.50
O6 NAG E . 24.74 -25.25 -45.15
O7 NAG E . 26.16 -31.67 -47.15
C1 BMA E . 27.72 -26.11 -48.62
C2 BMA E . 26.42 -25.38 -49.01
C3 BMA E . 26.64 -24.63 -50.30
C4 BMA E . 27.71 -23.57 -50.05
C5 BMA E . 29.03 -24.22 -49.57
C6 BMA E . 29.59 -23.60 -48.30
O2 BMA E . 26.05 -24.40 -48.06
O3 BMA E . 25.45 -24.02 -50.77
O4 BMA E . 27.95 -22.84 -51.25
O5 BMA E . 28.87 -25.66 -49.37
O6 BMA E . 28.60 -22.73 -47.77
C1 MAN E . 29.25 -21.53 -47.29
C2 MAN E . 29.54 -20.58 -48.48
C3 MAN E . 30.61 -19.55 -48.12
C4 MAN E . 30.72 -19.39 -46.61
C5 MAN E . 31.24 -20.71 -46.05
C6 MAN E . 31.30 -20.72 -44.53
O2 MAN E . 28.37 -19.84 -48.82
O3 MAN E . 30.39 -18.29 -48.74
O4 MAN E . 31.62 -18.36 -46.29
O5 MAN E . 30.37 -21.82 -46.45
O6 MAN E . 31.40 -22.08 -44.10
C1 NAG F . -16.93 -11.51 -31.46
C2 NAG F . -15.80 -10.53 -31.77
C3 NAG F . -16.36 -9.21 -32.25
C4 NAG F . -17.36 -9.41 -33.39
C5 NAG F . -18.38 -10.48 -33.02
C6 NAG F . -19.30 -10.85 -34.17
C7 NAG F . -13.72 -10.87 -30.51
C8 NAG F . -13.24 -11.69 -31.69
N2 NAG F . -14.94 -10.34 -30.62
O3 NAG F . -15.29 -8.38 -32.70
O4 NAG F . -18.09 -8.20 -33.59
O5 NAG F . -17.72 -11.68 -32.61
O6 NAG F . -20.65 -10.54 -33.87
O7 NAG F . -13.02 -10.70 -29.52
C1 NAG F . -17.57 -7.31 -34.62
C2 NAG F . -16.90 -8.04 -35.77
C3 NAG F . -17.45 -7.52 -37.10
C4 NAG F . -17.42 -6.00 -37.14
C5 NAG F . -18.21 -5.44 -35.96
C6 NAG F . -19.45 -4.70 -36.39
C7 NAG F . -14.60 -8.90 -35.66
C8 NAG F . -13.15 -8.54 -35.62
N2 NAG F . -15.45 -7.87 -35.73
O3 NAG F . -18.78 -7.98 -37.28
O4 NAG F . -16.07 -5.55 -37.07
O5 NAG F . -18.63 -6.51 -35.10
O6 NAG F . -19.56 -3.43 -35.75
O7 NAG F . -14.98 -10.06 -35.65
C1 BMA F . -15.95 -4.18 -37.52
C2 BMA F . -14.60 -3.98 -38.24
C3 BMA F . -14.49 -2.54 -38.77
C4 BMA F . -15.78 -2.06 -39.47
C5 BMA F . -16.99 -2.33 -38.56
C6 BMA F . -18.31 -1.91 -39.19
O2 BMA F . -14.52 -4.85 -39.36
O3 BMA F . -13.38 -2.40 -39.65
O4 BMA F . -15.70 -0.69 -39.77
O5 BMA F . -17.03 -3.73 -38.30
O6 BMA F . -19.31 -1.93 -38.18
CU CU G . -12.75 21.38 17.08
C1 NAG H . 14.79 1.24 32.73
C2 NAG H . 16.07 2.06 32.87
C3 NAG H . 17.26 1.13 33.13
C4 NAG H . 16.98 0.21 34.31
C5 NAG H . 15.68 -0.54 34.06
C6 NAG H . 15.28 -1.42 35.22
C7 NAG H . 16.10 4.19 31.66
C8 NAG H . 15.62 4.82 32.93
N2 NAG H . 16.30 2.87 31.69
O3 NAG H . 18.42 1.92 33.40
O4 NAG H . 18.05 -0.72 34.47
O5 NAG H . 14.61 0.40 33.87
O6 NAG H . 13.89 -1.27 35.50
O7 NAG H . 16.30 4.85 30.65
C1 NAG I . 15.41 -31.74 -2.19
C2 NAG I . 14.87 -33.16 -1.90
C3 NAG I . 15.40 -33.73 -0.63
C4 NAG I . 16.91 -33.85 -0.70
C5 NAG I . 17.52 -32.48 -1.04
C6 NAG I . 18.37 -32.48 -2.29
C7 NAG I . 12.61 -32.96 -2.95
C8 NAG I . 11.14 -32.91 -2.70
N2 NAG I . 13.38 -33.10 -1.89
O3 NAG I . 14.82 -35.00 -0.37
O4 NAG I . 17.43 -34.28 0.55
O5 NAG I . 16.50 -31.52 -1.19
O6 NAG I . 19.67 -33.01 -2.04
O7 NAG I . 13.08 -32.87 -4.09
#